data_5TEF
#
_entry.id   5TEF
#
_cell.length_a   58.658
_cell.length_b   124.862
_cell.length_c   60.938
_cell.angle_alpha   90.000
_cell.angle_beta   117.520
_cell.angle_gamma   90.000
#
_symmetry.space_group_name_H-M   'P 1 21 1'
#
loop_
_entity.id
_entity.type
_entity.pdbx_description
1 polymer 'Gem-associated protein 5'
2 non-polymer "7-METHYL-GUANOSINE-5'-TRIPHOSPHATE-5'-GUANOSINE"
3 non-polymer GLYCEROL
4 non-polymer 'UNKNOWN ATOM OR ION'
5 water water
#
_entity_poly.entity_id   1
_entity_poly.type   'polypeptide(L)'
_entity_poly.pdbx_seq_one_letter_code
;MGSSHHHHHHSSGLVPRGSMGQEPRTLPPSPNWYCARCSDAVPGGLFGFAARTSVFLVRVGPGAGESPGTPPFRVIGELV
GHTERVSGFTFSHHPGQYNLCATSSDDGTVKIWDVETKTVVTEHALHQHTISTLHWSPRVKDLIVSGDEKGVVFCYWFNR
NDSQHLFIEPRTIFCLTCSPHHEDLVAIGYKDGIVVIIDISKKGEVIHRLRGHDDEIHSIAWCPLPGEDCLSINQEETSE
EAEITNGNAVAQAPVTKGCYLATGSKDQTIRIWSCSRGRGVMILKLPFLKRRGGGIDPTVKERLWLTLHWPSNQPTQLVS
SCFGGELLQWDLTQSWRRKYTLFSASSEGQNHSRIVFNLCPLQTEDDKQLLLSTSMDRDVKCWDIATLECSWTLPSLGGF
AYSLAFSSVDIGSLAIGVGDGMIRVWNTLSIKNNYDVKNFWQGVKSKVTALCWHPTKEGCLAFGTDDGKVGLYDTYSNKP
PQISSTYHKKTVYTLAWGPPVPPMSLGGEGDRPSLALYSCGGEGIVLQHNPWKLSGEAFDINKLIRDTNSIKYKLPVHTE
ISWKADGKIMALGNEDGSIEIFQIPNLKLICTIQQHHKLVNTISWHHEHGSQPELSYLMASGSNNAVIYVHNLKTVIESS
PESPVTITEPYRTLSGHTAKITSVAWSPHHDGRLVSASYDGTAQVWDALREEPLCNFRGHQGRLLCVAWSPLDPDCIYSG
ADDFCVHKWLTSMQDHSRPPQGKKSIELEKKRLSQPKA
;
_entity_poly.pdbx_strand_id   A
#
# COMPACT_ATOMS: atom_id res chain seq x y z
N GLN A 22 8.38 -6.88 -19.40
CA GLN A 22 7.26 -7.67 -18.80
C GLN A 22 5.92 -6.84 -18.86
N GLU A 23 5.13 -6.84 -17.77
CA GLU A 23 3.92 -6.02 -17.64
C GLU A 23 3.92 -5.20 -16.33
N PRO A 24 3.11 -4.14 -16.29
CA PRO A 24 3.10 -3.32 -15.09
C PRO A 24 2.56 -4.06 -13.85
N ARG A 25 2.80 -3.51 -12.66
CA ARG A 25 2.26 -4.05 -11.42
CA ARG A 25 2.25 -4.04 -11.42
C ARG A 25 2.00 -2.88 -10.50
N THR A 26 1.00 -3.01 -9.64
CA THR A 26 0.67 -2.03 -8.62
C THR A 26 0.53 -2.73 -7.29
N LEU A 27 1.34 -2.33 -6.33
CA LEU A 27 1.17 -2.74 -4.97
C LEU A 27 0.31 -1.63 -4.37
N PRO A 28 -0.98 -1.95 -4.12
CA PRO A 28 -1.96 -0.90 -3.82
C PRO A 28 -2.09 -0.58 -2.33
N PRO A 29 -2.83 0.48 -2.04
CA PRO A 29 -3.12 0.73 -0.65
C PRO A 29 -4.01 -0.36 -0.05
N SER A 30 -4.01 -0.48 1.27
CA SER A 30 -4.77 -1.52 1.92
C SER A 30 -6.28 -1.29 1.82
N PRO A 31 -7.04 -2.39 1.63
CA PRO A 31 -8.50 -2.31 1.79
C PRO A 31 -8.88 -1.67 3.11
N ASN A 32 -9.86 -0.80 3.08
CA ASN A 32 -10.29 -0.12 4.28
C ASN A 32 -10.88 -1.06 5.31
N TRP A 33 -10.60 -0.73 6.57
CA TRP A 33 -10.98 -1.50 7.73
C TRP A 33 -12.34 -1.06 8.28
N TYR A 34 -13.03 -2.00 8.93
CA TYR A 34 -14.22 -1.72 9.75
C TYR A 34 -15.37 -1.19 8.95
N CYS A 35 -15.47 -1.61 7.68
CA CYS A 35 -16.62 -1.27 6.79
C CYS A 35 -17.36 -2.57 6.44
N ALA A 36 -18.66 -2.63 6.75
CA ALA A 36 -19.45 -3.84 6.50
C ALA A 36 -19.48 -4.29 5.03
N ARG A 37 -19.46 -3.34 4.12
CA ARG A 37 -19.34 -3.68 2.65
C ARG A 37 -18.55 -2.59 1.92
N CYS A 38 -17.26 -2.77 1.80
CA CYS A 38 -16.46 -1.84 1.01
C CYS A 38 -15.65 -2.58 -0.06
N SER A 39 -16.18 -3.75 -0.43
CA SER A 39 -15.62 -4.55 -1.51
C SER A 39 -16.72 -5.42 -2.10
N ASP A 40 -16.61 -5.75 -3.39
CA ASP A 40 -17.60 -6.55 -4.10
C ASP A 40 -16.97 -7.09 -5.37
N ALA A 41 -17.63 -8.06 -5.96
CA ALA A 41 -17.22 -8.63 -7.23
C ALA A 41 -18.43 -8.95 -8.11
N VAL A 42 -18.21 -8.94 -9.42
CA VAL A 42 -19.22 -9.34 -10.39
C VAL A 42 -18.67 -10.53 -11.21
N PRO A 43 -19.57 -11.31 -11.87
CA PRO A 43 -19.15 -12.51 -12.60
C PRO A 43 -18.17 -12.23 -13.70
N GLY A 44 -17.25 -13.19 -13.95
CA GLY A 44 -16.32 -13.15 -15.10
C GLY A 44 -14.82 -13.31 -14.77
N GLY A 45 -14.23 -12.37 -14.01
CA GLY A 45 -14.95 -11.30 -13.38
C GLY A 45 -14.05 -10.21 -12.86
N LEU A 46 -14.63 -9.34 -12.05
CA LEU A 46 -13.97 -8.13 -11.63
C LEU A 46 -14.26 -7.97 -10.18
N PHE A 47 -13.22 -7.66 -9.41
CA PHE A 47 -13.26 -7.42 -7.97
C PHE A 47 -12.90 -5.94 -7.76
N GLY A 48 -13.66 -5.27 -6.91
CA GLY A 48 -13.36 -3.90 -6.49
C GLY A 48 -13.24 -3.85 -4.97
N PHE A 49 -12.33 -3.01 -4.50
CA PHE A 49 -12.14 -2.77 -3.05
C PHE A 49 -11.82 -1.31 -2.77
N ALA A 50 -12.54 -0.73 -1.79
CA ALA A 50 -12.25 0.58 -1.29
C ALA A 50 -10.93 0.54 -0.48
N ALA A 51 -10.10 1.55 -0.70
CA ALA A 51 -8.78 1.68 -0.11
C ALA A 51 -8.43 3.15 -0.12
N ARG A 52 -8.29 3.74 1.06
CA ARG A 52 -8.21 5.18 1.23
C ARG A 52 -9.38 5.88 0.55
N THR A 53 -9.11 6.78 -0.41
CA THR A 53 -10.12 7.60 -1.06
C THR A 53 -10.50 7.05 -2.46
N SER A 54 -10.04 5.85 -2.79
CA SER A 54 -10.27 5.24 -4.09
C SER A 54 -10.98 3.92 -3.98
N VAL A 55 -11.42 3.41 -5.12
CA VAL A 55 -11.70 1.98 -5.26
C VAL A 55 -10.71 1.40 -6.28
N PHE A 56 -10.07 0.29 -5.93
CA PHE A 56 -9.17 -0.42 -6.85
C PHE A 56 -9.87 -1.60 -7.50
N LEU A 57 -9.65 -1.77 -8.80
CA LEU A 57 -10.26 -2.80 -9.61
C LEU A 57 -9.25 -3.89 -10.02
N VAL A 58 -9.64 -5.15 -9.82
CA VAL A 58 -8.79 -6.31 -10.09
C VAL A 58 -9.54 -7.28 -11.00
N ARG A 59 -8.99 -7.51 -12.20
CA ARG A 59 -9.50 -8.54 -13.11
C ARG A 59 -9.07 -9.89 -12.55
N VAL A 60 -10.02 -10.80 -12.43
CA VAL A 60 -9.76 -12.14 -11.97
C VAL A 60 -10.31 -13.14 -12.97
N GLY A 61 -9.49 -14.18 -13.22
CA GLY A 61 -9.81 -15.28 -14.16
C GLY A 61 -9.05 -15.16 -15.49
N PRO A 62 -9.44 -15.97 -16.49
CA PRO A 62 -8.84 -15.96 -17.82
C PRO A 62 -8.63 -14.57 -18.41
N GLY A 63 -9.57 -13.65 -18.19
CA GLY A 63 -9.49 -12.28 -18.71
C GLY A 63 -8.35 -11.44 -18.17
N ALA A 64 -7.77 -11.84 -17.05
CA ALA A 64 -6.55 -11.21 -16.57
C ALA A 64 -5.46 -11.46 -17.60
N GLY A 65 -5.46 -12.67 -18.15
CA GLY A 65 -4.53 -13.06 -19.22
C GLY A 65 -3.15 -13.31 -18.66
N GLU A 66 -3.07 -14.06 -17.55
CA GLU A 66 -1.81 -14.48 -16.97
C GLU A 66 -1.48 -15.92 -17.42
N SER A 67 -0.18 -16.18 -17.60
CA SER A 67 0.33 -17.49 -18.03
C SER A 67 0.04 -18.55 -16.95
N PRO A 68 -0.19 -19.84 -17.36
CA PRO A 68 -0.66 -20.87 -16.40
C PRO A 68 0.24 -21.07 -15.16
N GLY A 69 -0.34 -21.46 -14.03
CA GLY A 69 0.42 -21.60 -12.77
C GLY A 69 0.56 -20.27 -12.02
N THR A 70 0.88 -19.18 -12.75
CA THR A 70 0.85 -17.78 -12.22
C THR A 70 -0.58 -17.34 -11.85
N PRO A 71 -0.77 -16.67 -10.68
CA PRO A 71 -2.14 -16.39 -10.32
C PRO A 71 -2.88 -15.56 -11.36
N PRO A 72 -4.11 -15.96 -11.69
CA PRO A 72 -4.91 -15.27 -12.69
C PRO A 72 -5.62 -14.02 -12.14
N PHE A 73 -4.84 -13.02 -11.79
CA PHE A 73 -5.38 -11.71 -11.46
C PHE A 73 -4.47 -10.61 -11.93
N ARG A 74 -5.06 -9.45 -12.14
CA ARG A 74 -4.31 -8.27 -12.50
C ARG A 74 -5.00 -7.05 -11.93
N VAL A 75 -4.24 -6.16 -11.30
CA VAL A 75 -4.77 -4.88 -10.88
C VAL A 75 -4.89 -4.00 -12.11
N ILE A 76 -6.10 -3.59 -12.50
CA ILE A 76 -6.31 -2.90 -13.79
C ILE A 76 -6.80 -1.47 -13.76
N GLY A 77 -7.11 -0.91 -12.60
CA GLY A 77 -7.67 0.45 -12.57
C GLY A 77 -8.13 0.96 -11.21
N GLU A 78 -8.56 2.22 -11.19
CA GLU A 78 -8.87 2.92 -9.94
C GLU A 78 -10.03 3.88 -10.20
N LEU A 79 -10.99 3.95 -9.26
CA LEU A 79 -12.06 4.96 -9.30
C LEU A 79 -11.67 6.11 -8.43
N VAL A 80 -11.43 7.27 -9.07
CA VAL A 80 -10.82 8.43 -8.45
C VAL A 80 -11.80 9.58 -8.52
N GLY A 81 -11.99 10.26 -7.38
CA GLY A 81 -12.91 11.43 -7.26
C GLY A 81 -13.45 11.74 -5.85
N HIS A 82 -13.52 10.74 -4.98
CA HIS A 82 -13.79 11.03 -3.57
C HIS A 82 -12.62 11.73 -2.91
N THR A 83 -12.96 12.64 -1.99
CA THR A 83 -11.96 13.45 -1.27
C THR A 83 -11.67 12.94 0.14
N GLU A 84 -12.43 11.93 0.62
CA GLU A 84 -12.19 11.30 1.89
C GLU A 84 -12.41 9.79 1.76
N ARG A 85 -12.09 9.11 2.84
CA ARG A 85 -12.26 7.64 3.01
C ARG A 85 -13.50 7.12 2.31
N VAL A 86 -13.31 6.08 1.51
CA VAL A 86 -14.43 5.40 0.91
C VAL A 86 -14.88 4.33 1.90
N SER A 87 -16.15 4.44 2.29
CA SER A 87 -16.75 3.67 3.38
C SER A 87 -17.59 2.51 2.90
N GLY A 88 -17.93 2.52 1.61
CA GLY A 88 -18.86 1.57 1.03
C GLY A 88 -18.64 1.38 -0.45
N PHE A 89 -18.79 0.16 -0.94
CA PHE A 89 -18.69 -0.15 -2.36
C PHE A 89 -19.58 -1.31 -2.69
N THR A 90 -20.35 -1.20 -3.78
CA THR A 90 -21.29 -2.23 -4.21
C THR A 90 -21.38 -2.17 -5.75
N PHE A 91 -21.30 -3.33 -6.42
CA PHE A 91 -21.52 -3.40 -7.85
C PHE A 91 -23.02 -3.54 -8.05
N SER A 92 -23.50 -3.13 -9.22
CA SER A 92 -24.79 -3.59 -9.69
C SER A 92 -24.64 -5.10 -10.08
N HIS A 93 -25.58 -5.93 -9.69
CA HIS A 93 -25.58 -7.34 -10.11
C HIS A 93 -26.68 -7.65 -11.17
N HIS A 94 -27.05 -6.65 -11.94
CA HIS A 94 -28.10 -6.80 -12.95
C HIS A 94 -27.42 -7.15 -14.29
N PRO A 95 -27.77 -8.30 -14.90
CA PRO A 95 -27.15 -8.64 -16.26
C PRO A 95 -27.22 -7.47 -17.24
N GLY A 96 -26.09 -7.18 -17.90
CA GLY A 96 -25.92 -6.06 -18.82
C GLY A 96 -25.48 -4.74 -18.18
N GLN A 97 -25.47 -4.69 -16.83
CA GLN A 97 -25.04 -3.49 -16.10
C GLN A 97 -24.09 -3.88 -14.95
N TYR A 98 -23.32 -4.97 -15.13
CA TYR A 98 -22.23 -5.31 -14.20
C TYR A 98 -21.09 -4.29 -14.19
N ASN A 99 -21.06 -3.41 -15.17
CA ASN A 99 -20.17 -2.28 -15.25
C ASN A 99 -20.54 -1.08 -14.35
N LEU A 100 -21.74 -1.04 -13.82
CA LEU A 100 -22.12 0.01 -12.87
C LEU A 100 -21.81 -0.44 -11.42
N CYS A 101 -21.49 0.54 -10.60
CA CYS A 101 -21.23 0.36 -9.16
C CYS A 101 -21.49 1.67 -8.41
N ALA A 102 -21.48 1.59 -7.08
CA ALA A 102 -21.80 2.75 -6.22
C ALA A 102 -20.86 2.77 -5.01
N THR A 103 -20.46 3.95 -4.60
CA THR A 103 -19.56 4.12 -3.47
C THR A 103 -20.17 5.12 -2.51
N SER A 104 -19.81 5.02 -1.24
CA SER A 104 -20.07 6.07 -0.26
C SER A 104 -18.77 6.50 0.32
N SER A 105 -18.74 7.70 0.87
CA SER A 105 -17.52 8.30 1.37
C SER A 105 -17.81 9.22 2.55
N ASP A 106 -16.81 9.35 3.41
CA ASP A 106 -16.80 10.39 4.45
C ASP A 106 -16.82 11.82 3.86
N ASP A 107 -16.64 11.99 2.55
CA ASP A 107 -16.92 13.30 1.93
C ASP A 107 -18.41 13.65 1.85
N GLY A 108 -19.30 12.74 2.23
CA GLY A 108 -20.73 13.00 2.24
C GLY A 108 -21.49 12.63 0.97
N THR A 109 -20.80 12.04 -0.01
CA THR A 109 -21.44 11.70 -1.27
C THR A 109 -21.61 10.17 -1.49
N VAL A 110 -22.65 9.84 -2.25
CA VAL A 110 -22.83 8.54 -2.85
C VAL A 110 -22.64 8.78 -4.35
N LYS A 111 -21.65 8.11 -4.96
CA LYS A 111 -21.42 8.20 -6.40
C LYS A 111 -21.83 6.89 -7.14
N ILE A 112 -22.42 7.04 -8.33
CA ILE A 112 -22.61 5.94 -9.26
C ILE A 112 -21.50 6.04 -10.33
N TRP A 113 -20.79 4.93 -10.55
CA TRP A 113 -19.64 4.88 -11.45
C TRP A 113 -19.89 3.92 -12.61
N ASP A 114 -19.25 4.18 -13.75
CA ASP A 114 -19.20 3.23 -14.85
C ASP A 114 -17.75 2.75 -14.87
N VAL A 115 -17.50 1.47 -14.58
CA VAL A 115 -16.10 1.01 -14.50
C VAL A 115 -15.39 0.93 -15.88
N GLU A 116 -16.15 0.97 -16.97
CA GLU A 116 -15.54 0.95 -18.31
C GLU A 116 -14.78 2.25 -18.56
N THR A 117 -15.41 3.38 -18.25
CA THR A 117 -14.77 4.71 -18.33
C THR A 117 -14.11 5.14 -17.04
N LYS A 118 -14.45 4.51 -15.90
CA LYS A 118 -13.95 4.93 -14.57
C LYS A 118 -14.39 6.37 -14.29
N THR A 119 -15.63 6.71 -14.64
CA THR A 119 -16.15 8.04 -14.36
C THR A 119 -17.46 7.98 -13.63
N VAL A 120 -17.80 9.09 -13.01
CA VAL A 120 -19.08 9.21 -12.31
C VAL A 120 -20.23 9.41 -13.30
N VAL A 121 -21.27 8.61 -13.17
CA VAL A 121 -22.48 8.77 -13.96
C VAL A 121 -23.37 9.83 -13.32
N THR A 122 -23.55 9.72 -12.02
CA THR A 122 -24.27 10.70 -11.26
C THR A 122 -23.94 10.49 -9.77
N GLU A 123 -24.48 11.36 -8.90
CA GLU A 123 -24.18 11.32 -7.46
C GLU A 123 -25.13 12.17 -6.65
N HIS A 124 -25.10 11.95 -5.34
CA HIS A 124 -25.91 12.74 -4.43
C HIS A 124 -25.18 12.98 -3.15
N ALA A 125 -25.67 14.00 -2.45
CA ALA A 125 -25.11 14.47 -1.23
C ALA A 125 -26.25 14.65 -0.24
N LEU A 126 -27.24 13.80 -0.31
CA LEU A 126 -28.42 13.85 0.56
C LEU A 126 -28.15 13.58 2.05
N HIS A 127 -27.16 12.75 2.34
CA HIS A 127 -26.79 12.43 3.73
C HIS A 127 -26.14 13.64 4.43
N GLN A 128 -26.53 13.87 5.67
CA GLN A 128 -25.94 14.93 6.48
C GLN A 128 -25.09 14.40 7.64
N HIS A 129 -24.95 13.07 7.72
CA HIS A 129 -24.14 12.44 8.76
C HIS A 129 -23.27 11.36 8.06
N THR A 130 -22.17 10.98 8.68
CA THR A 130 -21.23 10.03 8.16
C THR A 130 -21.91 8.75 7.73
N ILE A 131 -21.72 8.42 6.47
CA ILE A 131 -22.41 7.29 5.85
C ILE A 131 -21.77 6.03 6.39
N SER A 132 -22.60 5.04 6.65
CA SER A 132 -22.16 3.77 7.16
C SER A 132 -21.89 2.76 6.05
N THR A 133 -22.82 2.66 5.12
CA THR A 133 -22.72 1.65 4.09
C THR A 133 -23.78 1.89 3.03
N LEU A 134 -23.72 1.12 1.96
CA LEU A 134 -24.74 1.14 0.91
C LEU A 134 -24.79 -0.21 0.19
N HIS A 135 -25.88 -0.43 -0.52
CA HIS A 135 -26.09 -1.69 -1.22
C HIS A 135 -26.90 -1.39 -2.51
N TRP A 136 -26.47 -2.00 -3.61
CA TRP A 136 -27.27 -1.96 -4.87
C TRP A 136 -28.31 -3.05 -4.80
N SER A 137 -29.59 -2.68 -5.00
CA SER A 137 -30.68 -3.62 -4.98
C SER A 137 -30.43 -4.78 -5.95
N PRO A 138 -30.54 -6.02 -5.49
CA PRO A 138 -30.50 -7.13 -6.43
C PRO A 138 -31.69 -7.14 -7.39
N ARG A 139 -32.81 -6.49 -7.01
CA ARG A 139 -34.06 -6.63 -7.75
C ARG A 139 -34.42 -5.42 -8.58
N VAL A 140 -34.05 -4.22 -8.14
CA VAL A 140 -34.40 -3.02 -8.89
C VAL A 140 -33.15 -2.44 -9.54
N LYS A 141 -33.20 -2.20 -10.85
CA LYS A 141 -31.97 -1.97 -11.63
C LYS A 141 -31.17 -0.73 -11.24
N ASP A 142 -31.86 0.34 -10.84
CA ASP A 142 -31.23 1.61 -10.56
C ASP A 142 -31.33 2.03 -9.09
N LEU A 143 -31.68 1.10 -8.20
CA LEU A 143 -31.89 1.43 -6.78
C LEU A 143 -30.63 1.14 -5.92
N ILE A 144 -30.13 2.19 -5.27
CA ILE A 144 -29.06 2.10 -4.28
C ILE A 144 -29.59 2.60 -2.92
N VAL A 145 -29.46 1.76 -1.88
CA VAL A 145 -29.90 2.09 -0.56
C VAL A 145 -28.67 2.31 0.33
N SER A 146 -28.57 3.50 0.94
CA SER A 146 -27.49 3.85 1.88
C SER A 146 -28.03 4.19 3.28
N GLY A 147 -27.18 4.03 4.28
CA GLY A 147 -27.55 4.22 5.68
C GLY A 147 -26.47 4.96 6.38
N ASP A 148 -26.83 5.87 7.30
CA ASP A 148 -25.81 6.69 8.00
C ASP A 148 -25.76 6.46 9.52
N GLU A 149 -24.79 7.15 10.16
CA GLU A 149 -24.55 6.93 11.58
CA GLU A 149 -24.53 7.01 11.60
C GLU A 149 -25.66 7.46 12.50
N LYS A 150 -26.60 8.26 11.99
CA LYS A 150 -27.76 8.72 12.80
C LYS A 150 -29.01 7.92 12.54
N GLY A 151 -28.92 6.96 11.62
CA GLY A 151 -30.01 6.05 11.36
C GLY A 151 -30.80 6.40 10.13
N VAL A 152 -30.35 7.39 9.40
CA VAL A 152 -31.07 7.91 8.26
C VAL A 152 -30.68 7.01 7.09
N VAL A 153 -31.70 6.66 6.31
CA VAL A 153 -31.56 5.81 5.15
C VAL A 153 -32.03 6.58 3.94
N PHE A 154 -31.27 6.52 2.85
CA PHE A 154 -31.74 7.04 1.58
C PHE A 154 -31.91 5.93 0.55
N CYS A 155 -33.08 5.85 -0.04
CA CYS A 155 -33.32 5.10 -1.27
C CYS A 155 -33.09 6.05 -2.42
N TYR A 156 -32.20 5.69 -3.35
CA TYR A 156 -31.80 6.50 -4.50
C TYR A 156 -31.97 5.72 -5.80
N TRP A 157 -32.96 6.12 -6.61
CA TRP A 157 -33.23 5.50 -7.91
C TRP A 157 -32.54 6.42 -8.87
N PHE A 158 -31.30 6.09 -9.23
CA PHE A 158 -30.39 7.04 -9.86
C PHE A 158 -30.75 7.35 -11.29
N ASN A 159 -31.48 6.46 -11.95
CA ASN A 159 -31.81 6.64 -13.38
C ASN A 159 -33.19 7.25 -13.66
N ARG A 160 -33.97 7.58 -12.65
CA ARG A 160 -35.17 8.40 -12.84
C ARG A 160 -35.04 9.65 -11.99
N ASN A 161 -33.82 9.99 -11.59
CA ASN A 161 -33.57 11.02 -10.59
C ASN A 161 -34.64 11.15 -9.46
N ASP A 162 -34.64 10.19 -8.54
CA ASP A 162 -35.57 10.15 -7.39
C ASP A 162 -34.86 9.67 -6.14
N SER A 163 -35.38 10.08 -5.00
CA SER A 163 -34.91 9.62 -3.70
C SER A 163 -36.02 9.65 -2.67
N GLN A 164 -35.88 8.84 -1.65
CA GLN A 164 -36.77 8.86 -0.49
C GLN A 164 -35.85 8.70 0.75
N HIS A 165 -36.04 9.56 1.76
CA HIS A 165 -35.38 9.36 3.03
C HIS A 165 -36.31 8.48 3.84
N LEU A 166 -35.71 7.64 4.67
CA LEU A 166 -36.44 6.83 5.63
C LEU A 166 -35.71 6.94 6.97
N PHE A 167 -36.44 6.68 8.04
CA PHE A 167 -35.87 6.75 9.38
C PHE A 167 -36.58 5.75 10.24
N ILE A 168 -35.82 4.79 10.74
CA ILE A 168 -36.40 3.65 11.35
C ILE A 168 -36.24 3.87 12.83
N GLU A 169 -35.02 3.73 13.34
CA GLU A 169 -34.72 3.89 14.73
C GLU A 169 -33.47 4.78 14.91
N PRO A 170 -33.39 5.53 16.03
CA PRO A 170 -32.30 6.48 16.22
C PRO A 170 -31.05 5.78 16.75
N ARG A 171 -30.35 5.10 15.84
CA ARG A 171 -29.15 4.34 16.17
C ARG A 171 -28.26 4.25 14.93
N THR A 172 -27.02 3.92 15.21
CA THR A 172 -26.00 3.91 14.23
C THR A 172 -26.11 2.64 13.37
N ILE A 173 -26.37 2.85 12.09
CA ILE A 173 -26.39 1.75 11.14
C ILE A 173 -24.95 1.26 10.96
N PHE A 174 -24.81 -0.08 11.02
CA PHE A 174 -23.56 -0.74 10.72
C PHE A 174 -23.62 -1.44 9.38
N CYS A 175 -24.75 -2.09 9.07
CA CYS A 175 -24.87 -2.84 7.79
C CYS A 175 -26.31 -2.81 7.30
N LEU A 176 -26.44 -3.09 6.03
N LEU A 176 -26.45 -2.99 6.01
CA LEU A 176 -27.71 -3.00 5.30
CA LEU A 176 -27.76 -3.19 5.43
C LEU A 176 -27.63 -3.98 4.11
C LEU A 176 -27.63 -4.00 4.15
N THR A 177 -28.66 -4.81 3.91
CA THR A 177 -28.70 -5.76 2.78
C THR A 177 -30.14 -5.85 2.27
N CYS A 178 -30.35 -5.32 1.07
CA CYS A 178 -31.57 -5.53 0.31
C CYS A 178 -31.81 -7.02 0.03
N SER A 179 -33.05 -7.43 0.19
CA SER A 179 -33.45 -8.76 -0.16
C SER A 179 -33.13 -9.10 -1.65
N PRO A 180 -32.63 -10.30 -1.88
CA PRO A 180 -32.53 -10.80 -3.25
C PRO A 180 -33.89 -11.23 -3.86
N HIS A 181 -34.91 -11.43 -3.05
CA HIS A 181 -36.16 -11.98 -3.53
C HIS A 181 -37.24 -10.93 -3.64
N HIS A 182 -37.31 -10.00 -2.68
CA HIS A 182 -38.40 -9.04 -2.66
C HIS A 182 -37.83 -7.63 -2.76
N GLU A 183 -38.16 -6.95 -3.84
CA GLU A 183 -37.70 -5.61 -4.12
C GLU A 183 -37.97 -4.53 -3.08
N ASP A 184 -38.97 -4.73 -2.23
CA ASP A 184 -39.23 -3.75 -1.19
C ASP A 184 -38.55 -4.03 0.15
N LEU A 185 -37.96 -5.20 0.35
CA LEU A 185 -37.49 -5.56 1.69
C LEU A 185 -35.99 -5.32 1.86
N VAL A 186 -35.61 -4.67 3.00
CA VAL A 186 -34.21 -4.36 3.30
C VAL A 186 -33.96 -4.70 4.75
N ALA A 187 -32.85 -5.39 5.01
CA ALA A 187 -32.46 -5.74 6.36
C ALA A 187 -31.39 -4.77 6.80
N ILE A 188 -31.54 -4.26 8.03
CA ILE A 188 -30.62 -3.30 8.62
C ILE A 188 -30.14 -3.80 9.96
N GLY A 189 -28.83 -3.69 10.19
CA GLY A 189 -28.17 -4.07 11.43
C GLY A 189 -27.51 -2.87 12.05
N TYR A 190 -27.64 -2.74 13.38
CA TYR A 190 -27.20 -1.58 14.10
C TYR A 190 -26.05 -1.88 15.08
N LYS A 191 -25.41 -0.80 15.50
CA LYS A 191 -24.24 -0.84 16.43
C LYS A 191 -24.55 -1.54 17.77
N ASP A 192 -25.79 -1.46 18.22
CA ASP A 192 -26.22 -2.05 19.48
C ASP A 192 -26.71 -3.48 19.36
N GLY A 193 -26.75 -4.06 18.13
CA GLY A 193 -27.21 -5.43 17.93
C GLY A 193 -28.67 -5.59 17.43
N ILE A 194 -29.41 -4.51 17.37
CA ILE A 194 -30.74 -4.55 16.74
C ILE A 194 -30.64 -4.88 15.23
N VAL A 195 -31.50 -5.82 14.78
CA VAL A 195 -31.68 -6.11 13.36
C VAL A 195 -33.15 -5.92 13.04
N VAL A 196 -33.48 -5.21 11.97
CA VAL A 196 -34.86 -5.01 11.49
C VAL A 196 -34.95 -5.34 9.98
N ILE A 197 -36.12 -5.79 9.56
CA ILE A 197 -36.48 -5.90 8.15
C ILE A 197 -37.57 -4.89 7.92
N ILE A 198 -37.31 -3.99 6.97
CA ILE A 198 -38.21 -2.90 6.67
C ILE A 198 -38.73 -3.04 5.26
N ASP A 199 -39.90 -2.44 5.04
CA ASP A 199 -40.56 -2.35 3.73
C ASP A 199 -40.45 -0.93 3.21
N ILE A 200 -39.60 -0.73 2.19
CA ILE A 200 -39.33 0.60 1.71
C ILE A 200 -40.50 1.19 0.90
N SER A 201 -41.52 0.39 0.60
CA SER A 201 -42.74 0.88 -0.04
C SER A 201 -43.78 1.39 0.98
N LYS A 202 -43.58 1.10 2.28
CA LYS A 202 -44.48 1.50 3.35
C LYS A 202 -43.73 2.38 4.33
N LYS A 203 -43.07 3.41 3.79
CA LYS A 203 -42.32 4.41 4.56
C LYS A 203 -41.25 3.80 5.53
N GLY A 204 -40.71 2.63 5.17
CA GLY A 204 -39.72 1.91 6.00
C GLY A 204 -40.28 1.17 7.20
N GLU A 205 -41.58 0.91 7.17
CA GLU A 205 -42.24 0.19 8.25
C GLU A 205 -41.45 -1.05 8.63
N VAL A 206 -41.24 -1.26 9.93
CA VAL A 206 -40.57 -2.45 10.42
C VAL A 206 -41.54 -3.63 10.33
N ILE A 207 -41.18 -4.62 9.50
CA ILE A 207 -41.98 -5.83 9.29
C ILE A 207 -41.55 -6.92 10.26
N HIS A 208 -40.25 -6.99 10.57
CA HIS A 208 -39.76 -7.93 11.57
C HIS A 208 -38.67 -7.24 12.33
N ARG A 209 -38.71 -7.44 13.63
CA ARG A 209 -37.78 -6.90 14.60
C ARG A 209 -37.06 -8.12 15.17
N LEU A 210 -35.80 -8.30 14.80
CA LEU A 210 -35.10 -9.52 15.15
C LEU A 210 -34.25 -9.21 16.37
N ARG A 211 -34.76 -9.60 17.55
CA ARG A 211 -34.09 -9.39 18.85
C ARG A 211 -33.24 -10.60 19.21
N GLY A 212 -32.00 -10.37 19.63
CA GLY A 212 -31.16 -11.49 20.02
C GLY A 212 -29.69 -11.12 20.19
N HIS A 213 -29.11 -10.39 19.23
CA HIS A 213 -27.71 -10.02 19.35
C HIS A 213 -27.52 -8.94 20.40
N ASP A 214 -26.39 -8.94 21.13
CA ASP A 214 -26.14 -7.89 22.13
C ASP A 214 -24.89 -7.06 21.85
N ASP A 215 -24.46 -7.03 20.58
CA ASP A 215 -23.37 -6.17 20.16
C ASP A 215 -23.52 -5.91 18.62
N GLU A 216 -22.64 -5.09 18.07
CA GLU A 216 -22.57 -4.70 16.66
C GLU A 216 -22.92 -5.82 15.68
N ILE A 217 -23.82 -5.53 14.76
CA ILE A 217 -24.11 -6.38 13.64
C ILE A 217 -23.11 -6.02 12.56
N HIS A 218 -22.34 -7.01 12.11
CA HIS A 218 -21.31 -6.79 11.11
C HIS A 218 -21.73 -7.20 9.68
N SER A 219 -22.75 -8.05 9.56
CA SER A 219 -23.08 -8.67 8.26
C SER A 219 -24.48 -9.27 8.28
N ILE A 220 -25.22 -9.07 7.20
CA ILE A 220 -26.54 -9.68 7.01
C ILE A 220 -26.59 -10.34 5.62
N ALA A 221 -26.83 -11.64 5.61
CA ALA A 221 -26.98 -12.43 4.37
C ALA A 221 -28.37 -13.09 4.34
N TRP A 222 -29.12 -12.86 3.27
CA TRP A 222 -30.39 -13.52 3.09
C TRP A 222 -30.16 -14.96 2.51
N CYS A 223 -31.00 -15.93 2.91
CA CYS A 223 -30.91 -17.30 2.34
C CYS A 223 -31.18 -17.10 0.85
N PRO A 224 -30.32 -17.66 -0.03
CA PRO A 224 -30.40 -17.32 -1.47
C PRO A 224 -31.54 -18.03 -2.27
N LEU A 225 -32.27 -18.95 -1.66
CA LEU A 225 -33.49 -19.55 -2.25
C LEU A 225 -34.73 -18.99 -1.54
N PRO A 226 -35.79 -18.59 -2.31
CA PRO A 226 -37.04 -18.10 -1.65
C PRO A 226 -37.87 -19.22 -1.01
N GLY A 227 -38.36 -19.03 0.21
CA GLY A 227 -39.14 -20.06 0.95
C GLY A 227 -38.35 -20.91 1.97
N GLU A 228 -39.02 -21.90 2.55
CA GLU A 228 -38.42 -22.80 3.55
N CYS A 259 -38.82 -16.44 3.77
CA CYS A 259 -37.37 -16.18 3.76
C CYS A 259 -36.67 -16.57 5.06
N TYR A 260 -35.37 -16.80 4.93
CA TYR A 260 -34.45 -16.91 6.03
C TYR A 260 -33.37 -15.76 5.89
N LEU A 261 -32.66 -15.48 6.98
CA LEU A 261 -31.73 -14.37 7.07
C LEU A 261 -30.68 -14.84 8.06
N ALA A 262 -29.39 -14.59 7.80
CA ALA A 262 -28.30 -14.86 8.74
C ALA A 262 -27.61 -13.54 9.09
N THR A 263 -27.26 -13.37 10.38
CA THR A 263 -26.67 -12.13 10.87
C THR A 263 -25.40 -12.48 11.65
N GLY A 264 -24.29 -11.77 11.37
CA GLY A 264 -23.01 -11.98 12.05
C GLY A 264 -22.75 -10.78 12.97
N SER A 265 -22.18 -11.01 14.16
CA SER A 265 -22.07 -9.97 15.18
C SER A 265 -20.76 -10.07 15.99
N LYS A 266 -20.32 -8.92 16.46
CA LYS A 266 -19.28 -8.78 17.40
C LYS A 266 -19.52 -9.64 18.68
N ASP A 267 -20.75 -9.95 19.01
CA ASP A 267 -21.09 -10.92 20.10
C ASP A 267 -20.67 -12.38 19.87
N GLN A 268 -20.12 -12.67 18.69
CA GLN A 268 -19.44 -13.94 18.35
C GLN A 268 -20.43 -15.02 18.02
N THR A 269 -21.66 -14.61 17.72
CA THR A 269 -22.67 -15.51 17.25
C THR A 269 -23.09 -15.14 15.82
N ILE A 270 -23.48 -16.16 15.07
CA ILE A 270 -24.23 -16.07 13.84
C ILE A 270 -25.62 -16.56 14.19
N ARG A 271 -26.64 -15.75 13.91
CA ARG A 271 -28.03 -16.13 14.16
C ARG A 271 -28.74 -16.24 12.83
N ILE A 272 -29.38 -17.40 12.60
CA ILE A 272 -30.19 -17.63 11.42
C ILE A 272 -31.64 -17.50 11.87
N TRP A 273 -32.39 -16.63 11.21
CA TRP A 273 -33.75 -16.25 11.60
C TRP A 273 -34.74 -16.65 10.51
N SER A 274 -36.01 -16.77 10.93
CA SER A 274 -37.15 -16.87 10.03
C SER A 274 -37.87 -15.50 9.82
N CYS A 275 -38.46 -15.28 8.63
CA CYS A 275 -39.47 -14.21 8.41
C CYS A 275 -40.91 -14.75 8.57
N SER A 276 -41.16 -15.99 8.10
CA SER A 276 -42.45 -16.70 8.31
C SER A 276 -42.86 -16.65 9.78
N ARG A 277 -42.15 -17.41 10.63
CA ARG A 277 -42.36 -17.37 12.07
C ARG A 277 -42.01 -15.98 12.64
N GLY A 278 -40.96 -15.35 12.08
CA GLY A 278 -40.39 -14.10 12.63
C GLY A 278 -39.25 -14.33 13.62
N ARG A 279 -39.15 -15.56 14.16
CA ARG A 279 -38.28 -15.87 15.31
C ARG A 279 -36.90 -16.40 14.88
N GLY A 280 -36.04 -16.59 15.90
CA GLY A 280 -34.71 -17.17 15.74
C GLY A 280 -34.82 -18.67 15.72
N VAL A 281 -34.23 -19.29 14.70
CA VAL A 281 -34.27 -20.76 14.53
C VAL A 281 -32.89 -21.41 14.62
N MET A 282 -31.81 -20.63 14.83
CA MET A 282 -30.46 -21.23 14.88
C MET A 282 -29.41 -20.20 15.36
N ILE A 283 -28.69 -20.53 16.41
CA ILE A 283 -27.62 -19.71 16.92
C ILE A 283 -26.36 -20.52 16.77
N LEU A 284 -25.42 -20.05 15.95
CA LEU A 284 -24.08 -20.65 15.89
C LEU A 284 -23.11 -19.75 16.65
N LYS A 285 -22.39 -20.29 17.64
CA LYS A 285 -21.39 -19.55 18.39
C LYS A 285 -20.06 -19.89 17.73
N LEU A 286 -19.20 -18.91 17.53
CA LEU A 286 -17.89 -19.16 16.90
C LEU A 286 -17.07 -20.10 17.77
N PRO A 287 -16.27 -20.97 17.16
CA PRO A 287 -15.37 -21.84 17.94
C PRO A 287 -14.11 -21.11 18.42
N PHE A 288 -13.53 -21.61 19.53
CA PHE A 288 -12.12 -21.31 19.93
C PHE A 288 -11.18 -22.27 19.21
N LEU A 289 -10.16 -21.71 18.56
CA LEU A 289 -9.21 -22.44 17.75
C LEU A 289 -7.84 -21.90 18.08
N LYS A 290 -6.80 -22.74 17.98
CA LYS A 290 -5.42 -22.30 18.20
C LYS A 290 -5.08 -21.26 17.14
N ARG A 291 -4.51 -20.12 17.55
CA ARG A 291 -3.96 -19.15 16.60
C ARG A 291 -2.88 -19.82 15.77
N ARG A 292 -2.91 -19.67 14.46
CA ARG A 292 -1.84 -20.25 13.61
C ARG A 292 -1.38 -19.30 12.51
N GLY A 293 -0.17 -19.57 12.01
CA GLY A 293 0.59 -18.65 11.18
C GLY A 293 1.70 -18.06 12.03
N GLY A 294 2.50 -17.17 11.43
CA GLY A 294 3.63 -16.54 12.12
C GLY A 294 3.19 -15.66 13.27
N GLY A 295 4.02 -15.59 14.31
CA GLY A 295 3.71 -14.82 15.52
C GLY A 295 3.51 -13.34 15.22
N ILE A 296 2.28 -12.87 15.36
CA ILE A 296 1.92 -11.47 15.07
C ILE A 296 2.42 -10.54 16.18
N ASP A 297 2.14 -9.25 16.04
CA ASP A 297 2.53 -8.23 17.00
C ASP A 297 1.45 -8.04 18.09
N PRO A 298 1.70 -8.50 19.35
CA PRO A 298 0.84 -8.15 20.49
C PRO A 298 0.43 -6.67 20.59
N THR A 299 1.33 -5.74 20.22
CA THR A 299 1.10 -4.28 20.34
C THR A 299 0.06 -3.64 19.37
N VAL A 300 -0.84 -4.44 18.77
CA VAL A 300 -2.02 -3.91 18.06
C VAL A 300 -3.30 -4.42 18.73
N LYS A 301 -4.33 -3.55 18.80
CA LYS A 301 -5.66 -3.93 19.35
C LYS A 301 -6.50 -4.62 18.27
N GLU A 302 -7.23 -5.70 18.65
CA GLU A 302 -8.05 -6.48 17.70
C GLU A 302 -9.17 -7.34 18.35
N ARG A 303 -10.40 -6.88 18.23
CA ARG A 303 -11.59 -7.66 18.57
C ARG A 303 -12.12 -8.30 17.26
N LEU A 304 -13.14 -9.11 17.40
CA LEU A 304 -13.78 -9.81 16.29
C LEU A 304 -14.43 -8.90 15.23
N TRP A 305 -14.28 -9.28 13.96
CA TRP A 305 -15.22 -8.88 12.91
C TRP A 305 -15.81 -10.15 12.32
N LEU A 306 -17.14 -10.28 12.35
CA LEU A 306 -17.84 -11.50 11.95
C LEU A 306 -18.68 -11.22 10.68
N THR A 307 -18.10 -11.53 9.52
CA THR A 307 -18.79 -11.32 8.23
C THR A 307 -19.19 -12.67 7.61
N LEU A 308 -20.11 -12.62 6.64
CA LEU A 308 -20.82 -13.80 6.13
C LEU A 308 -20.83 -13.78 4.63
N HIS A 309 -20.92 -14.97 4.06
CA HIS A 309 -21.17 -15.20 2.64
C HIS A 309 -22.07 -16.42 2.56
N TRP A 310 -23.29 -16.25 2.02
CA TRP A 310 -24.25 -17.35 1.88
C TRP A 310 -24.32 -17.77 0.38
N PRO A 311 -23.54 -18.80 -0.03
CA PRO A 311 -23.41 -19.18 -1.46
C PRO A 311 -24.74 -19.53 -2.08
N SER A 312 -25.05 -18.85 -3.18
CA SER A 312 -26.37 -19.00 -3.82
C SER A 312 -26.56 -20.36 -4.49
N ASN A 313 -25.44 -20.99 -4.83
CA ASN A 313 -25.44 -22.33 -5.37
C ASN A 313 -25.31 -23.44 -4.29
N GLN A 314 -25.26 -23.10 -3.00
CA GLN A 314 -25.14 -24.09 -1.92
C GLN A 314 -25.85 -23.59 -0.70
N PRO A 315 -27.19 -23.56 -0.72
CA PRO A 315 -27.99 -23.03 0.40
C PRO A 315 -27.73 -23.65 1.76
N THR A 316 -27.21 -24.89 1.80
CA THR A 316 -26.99 -25.59 3.05
C THR A 316 -25.59 -25.30 3.63
N GLN A 317 -24.82 -24.45 2.97
CA GLN A 317 -23.52 -24.01 3.50
C GLN A 317 -23.56 -22.48 3.75
N LEU A 318 -22.82 -22.05 4.75
CA LEU A 318 -22.69 -20.65 5.10
C LEU A 318 -21.22 -20.43 5.46
N VAL A 319 -20.57 -19.45 4.81
CA VAL A 319 -19.17 -19.09 5.12
C VAL A 319 -19.17 -17.91 6.08
N SER A 320 -18.28 -17.94 7.08
CA SER A 320 -18.11 -16.84 8.03
C SER A 320 -16.62 -16.60 8.32
N SER A 321 -16.31 -15.37 8.74
CA SER A 321 -15.03 -15.10 9.30
C SER A 321 -15.07 -15.58 10.77
N CYS A 322 -13.94 -15.51 11.45
CA CYS A 322 -13.84 -15.99 12.85
C CYS A 322 -12.69 -15.26 13.50
N PHE A 323 -12.43 -15.55 14.79
CA PHE A 323 -11.30 -14.91 15.48
C PHE A 323 -10.03 -15.09 14.67
N GLY A 324 -9.21 -14.05 14.68
CA GLY A 324 -7.90 -14.08 14.01
C GLY A 324 -7.97 -14.14 12.49
N GLY A 325 -9.17 -14.01 11.91
CA GLY A 325 -9.37 -14.06 10.44
C GLY A 325 -9.37 -15.44 9.82
N GLU A 326 -9.58 -16.45 10.64
CA GLU A 326 -9.82 -17.79 10.10
C GLU A 326 -11.14 -17.75 9.36
N LEU A 327 -11.28 -18.57 8.30
CA LEU A 327 -12.56 -18.66 7.62
C LEU A 327 -13.14 -20.01 7.88
N LEU A 328 -14.47 -20.01 8.09
CA LEU A 328 -15.26 -21.22 8.35
C LEU A 328 -16.29 -21.50 7.29
N GLN A 329 -16.40 -22.75 6.84
CA GLN A 329 -17.54 -23.19 6.07
C GLN A 329 -18.43 -23.99 7.00
N TRP A 330 -19.59 -23.45 7.31
CA TRP A 330 -20.55 -24.05 8.19
C TRP A 330 -21.52 -24.96 7.42
N ASP A 331 -21.83 -26.12 8.01
CA ASP A 331 -22.82 -27.05 7.44
C ASP A 331 -24.14 -26.81 8.14
N LEU A 332 -25.08 -26.22 7.42
CA LEU A 332 -26.37 -25.90 8.00
C LEU A 332 -27.32 -27.09 8.10
N THR A 333 -26.99 -28.24 7.47
CA THR A 333 -27.79 -29.48 7.70
C THR A 333 -27.62 -29.94 9.18
N GLN A 334 -26.39 -29.87 9.68
CA GLN A 334 -26.05 -30.08 11.10
C GLN A 334 -26.13 -28.75 11.91
N ARG A 337 -26.36 -28.93 15.11
CA ARG A 337 -25.29 -29.22 16.09
C ARG A 337 -23.90 -28.70 15.67
N ARG A 338 -23.87 -27.61 14.88
CA ARG A 338 -22.66 -26.77 14.70
C ARG A 338 -21.41 -27.44 14.09
N LYS A 339 -21.54 -28.03 12.90
CA LYS A 339 -20.35 -28.52 12.15
C LYS A 339 -19.79 -27.37 11.28
N TYR A 340 -18.48 -27.26 11.24
CA TYR A 340 -17.82 -26.36 10.32
C TYR A 340 -16.60 -27.07 9.76
N THR A 341 -16.11 -26.57 8.63
CA THR A 341 -14.82 -26.93 8.08
C THR A 341 -14.01 -25.64 7.95
N LEU A 342 -12.73 -25.74 8.34
CA LEU A 342 -11.83 -24.61 8.40
C LEU A 342 -11.20 -24.45 7.03
N PHE A 343 -11.18 -23.22 6.52
CA PHE A 343 -10.44 -22.93 5.28
C PHE A 343 -8.95 -23.12 5.57
N SER A 344 -8.26 -23.70 4.60
CA SER A 344 -6.81 -23.90 4.63
C SER A 344 -6.34 -24.81 5.79
N ALA A 345 -7.19 -25.73 6.20
CA ALA A 345 -6.89 -26.60 7.36
C ALA A 345 -5.67 -27.48 7.11
N SER A 346 -5.49 -27.92 5.85
CA SER A 346 -4.41 -28.84 5.47
C SER A 346 -3.09 -28.10 5.32
N SER A 347 -3.09 -27.00 4.55
CA SER A 347 -1.88 -26.18 4.36
C SER A 347 -1.58 -25.37 5.63
N GLU A 348 -0.37 -24.84 5.71
CA GLU A 348 0.06 -24.04 6.87
C GLU A 348 0.53 -22.67 6.41
N GLY A 349 0.27 -21.64 7.22
CA GLY A 349 0.64 -20.28 6.91
C GLY A 349 -0.02 -19.61 5.71
N GLN A 350 -1.16 -20.13 5.21
CA GLN A 350 -1.93 -19.47 4.12
C GLN A 350 -3.19 -18.72 4.58
N ASN A 351 -3.57 -18.94 5.82
CA ASN A 351 -4.67 -18.26 6.44
C ASN A 351 -4.35 -16.81 6.75
N HIS A 352 -5.39 -15.98 6.86
CA HIS A 352 -5.21 -14.64 7.35
C HIS A 352 -4.73 -14.69 8.78
N SER A 353 -4.05 -13.65 9.23
CA SER A 353 -3.50 -13.60 10.60
C SER A 353 -4.19 -12.56 11.48
N ARG A 354 -5.14 -11.81 10.92
CA ARG A 354 -5.97 -10.91 11.68
C ARG A 354 -7.36 -10.94 11.07
N ILE A 355 -8.32 -10.36 11.78
CA ILE A 355 -9.72 -10.36 11.38
C ILE A 355 -9.97 -10.01 9.90
N VAL A 356 -11.01 -10.67 9.37
CA VAL A 356 -11.47 -10.52 8.00
C VAL A 356 -12.72 -9.65 8.04
N PHE A 357 -12.76 -8.66 7.15
CA PHE A 357 -13.88 -7.73 7.10
C PHE A 357 -14.94 -8.05 6.07
N ASN A 358 -14.49 -8.42 4.85
CA ASN A 358 -15.39 -8.64 3.72
C ASN A 358 -15.05 -9.95 3.02
N LEU A 359 -16.09 -10.58 2.46
CA LEU A 359 -16.03 -11.77 1.65
C LEU A 359 -16.85 -11.54 0.38
N CYS A 360 -16.27 -11.78 -0.79
CA CYS A 360 -16.90 -11.47 -2.08
C CYS A 360 -16.82 -12.71 -2.96
N PRO A 361 -17.97 -13.36 -3.27
CA PRO A 361 -17.92 -14.47 -4.24
C PRO A 361 -17.68 -13.96 -5.66
N LEU A 362 -16.91 -14.74 -6.43
CA LEU A 362 -16.61 -14.43 -7.82
C LEU A 362 -16.56 -15.76 -8.58
N GLN A 363 -17.49 -15.93 -9.51
CA GLN A 363 -17.46 -17.05 -10.44
C GLN A 363 -16.80 -16.62 -11.74
N THR A 364 -15.67 -17.24 -12.07
CA THR A 364 -14.90 -16.88 -13.28
C THR A 364 -15.57 -17.44 -14.54
N GLU A 365 -15.19 -16.89 -15.69
CA GLU A 365 -15.66 -17.35 -17.03
C GLU A 365 -15.50 -18.85 -17.21
N ASP A 366 -14.36 -19.38 -16.76
CA ASP A 366 -14.11 -20.84 -16.81
C ASP A 366 -14.69 -21.58 -15.57
N ASP A 367 -15.76 -21.05 -15.00
CA ASP A 367 -16.56 -21.71 -13.98
C ASP A 367 -15.88 -22.11 -12.64
N LYS A 368 -14.71 -21.55 -12.31
CA LYS A 368 -14.13 -21.74 -10.97
C LYS A 368 -14.96 -20.84 -9.97
N GLN A 369 -15.29 -21.41 -8.81
CA GLN A 369 -15.96 -20.70 -7.72
C GLN A 369 -14.88 -20.20 -6.77
N LEU A 370 -14.72 -18.87 -6.75
CA LEU A 370 -13.76 -18.19 -5.92
C LEU A 370 -14.47 -17.31 -4.87
N LEU A 371 -13.77 -17.07 -3.75
CA LEU A 371 -14.19 -16.16 -2.72
C LEU A 371 -12.99 -15.28 -2.31
N LEU A 372 -13.19 -13.97 -2.36
CA LEU A 372 -12.17 -13.00 -2.03
C LEU A 372 -12.39 -12.45 -0.61
N SER A 373 -11.30 -12.33 0.15
CA SER A 373 -11.35 -11.87 1.53
C SER A 373 -10.42 -10.67 1.74
N THR A 374 -10.92 -9.66 2.47
CA THR A 374 -10.13 -8.51 2.88
C THR A 374 -9.94 -8.66 4.40
N SER A 375 -8.81 -8.16 4.87
CA SER A 375 -8.37 -8.37 6.24
C SER A 375 -7.54 -7.16 6.79
N MET A 376 -7.59 -7.04 8.12
CA MET A 376 -6.73 -6.16 8.87
C MET A 376 -5.28 -6.54 8.67
N ASP A 377 -4.99 -7.78 8.27
CA ASP A 377 -3.59 -8.13 7.98
C ASP A 377 -3.03 -7.52 6.69
N ARG A 378 -3.87 -6.79 5.92
CA ARG A 378 -3.45 -6.03 4.71
C ARG A 378 -3.25 -6.91 3.45
N ASP A 379 -3.69 -8.17 3.51
CA ASP A 379 -3.68 -9.07 2.37
C ASP A 379 -5.11 -9.19 1.85
N VAL A 380 -5.23 -9.25 0.53
CA VAL A 380 -6.44 -9.71 -0.14
C VAL A 380 -6.13 -11.14 -0.52
N LYS A 381 -6.96 -12.10 -0.13
CA LYS A 381 -6.74 -13.49 -0.49
C LYS A 381 -7.88 -14.00 -1.36
N CYS A 382 -7.57 -14.93 -2.24
CA CYS A 382 -8.55 -15.53 -3.14
C CYS A 382 -8.61 -16.99 -2.79
N TRP A 383 -9.81 -17.46 -2.46
CA TRP A 383 -10.06 -18.83 -1.97
C TRP A 383 -10.77 -19.62 -3.05
N ASP A 384 -10.32 -20.85 -3.24
CA ASP A 384 -10.90 -21.77 -4.21
C ASP A 384 -11.88 -22.54 -3.37
N ILE A 385 -13.17 -22.32 -3.61
CA ILE A 385 -14.23 -22.92 -2.80
C ILE A 385 -14.29 -24.44 -2.88
N ALA A 386 -13.93 -24.97 -4.03
CA ALA A 386 -13.91 -26.41 -4.24
C ALA A 386 -12.98 -27.07 -3.24
N THR A 387 -11.81 -26.46 -2.99
CA THR A 387 -10.80 -27.00 -2.07
C THR A 387 -10.65 -26.29 -0.71
N LEU A 388 -11.22 -25.09 -0.58
CA LEU A 388 -10.98 -24.19 0.57
C LEU A 388 -9.49 -23.86 0.82
N GLU A 389 -8.69 -23.90 -0.26
CA GLU A 389 -7.28 -23.52 -0.21
C GLU A 389 -7.15 -22.13 -0.83
N CYS A 390 -6.10 -21.43 -0.44
CA CYS A 390 -5.85 -20.11 -0.95
C CYS A 390 -5.20 -20.21 -2.31
N SER A 391 -5.84 -19.68 -3.36
CA SER A 391 -5.24 -19.65 -4.71
C SER A 391 -4.14 -18.65 -4.80
N TRP A 392 -4.36 -17.46 -4.22
CA TRP A 392 -3.36 -16.40 -4.29
C TRP A 392 -3.62 -15.33 -3.25
N THR A 393 -2.60 -14.50 -3.03
CA THR A 393 -2.61 -13.38 -2.09
C THR A 393 -2.11 -12.11 -2.77
N LEU A 394 -2.82 -11.00 -2.60
CA LEU A 394 -2.38 -9.69 -3.06
C LEU A 394 -2.10 -8.84 -1.82
N PRO A 395 -0.81 -8.54 -1.54
CA PRO A 395 -0.43 -7.71 -0.40
C PRO A 395 -0.67 -6.24 -0.69
N SER A 396 -0.60 -5.43 0.35
CA SER A 396 -0.98 -4.05 0.25
C SER A 396 -0.24 -3.21 1.28
N LEU A 397 -0.30 -1.89 1.06
CA LEU A 397 0.47 -0.90 1.86
C LEU A 397 -0.44 0.01 2.72
N GLY A 398 -0.07 0.14 3.99
CA GLY A 398 -0.81 0.94 4.98
C GLY A 398 -0.28 2.36 5.26
N GLY A 399 0.71 2.81 4.46
CA GLY A 399 1.33 4.10 4.67
C GLY A 399 2.09 4.52 3.44
N PHE A 400 2.72 5.69 3.48
CA PHE A 400 3.49 6.16 2.32
C PHE A 400 4.59 5.15 2.00
N ALA A 401 4.88 4.98 0.71
CA ALA A 401 6.07 4.23 0.28
C ALA A 401 7.27 5.22 0.23
N TYR A 402 8.06 5.24 1.29
CA TYR A 402 9.08 6.27 1.49
C TYR A 402 10.37 5.94 0.78
N SER A 403 10.67 4.65 0.68
CA SER A 403 12.00 4.21 0.36
C SER A 403 11.94 2.90 -0.43
N LEU A 404 12.72 2.80 -1.50
CA LEU A 404 12.98 1.53 -2.24
C LEU A 404 14.45 1.26 -2.33
N ALA A 405 14.84 0.00 -2.20
CA ALA A 405 16.24 -0.40 -2.28
C ALA A 405 16.34 -1.83 -2.80
N PHE A 406 17.01 -2.01 -3.95
CA PHE A 406 17.31 -3.35 -4.49
C PHE A 406 18.59 -3.91 -3.90
N SER A 407 18.58 -5.17 -3.55
CA SER A 407 19.76 -5.85 -3.06
C SER A 407 20.70 -6.11 -4.23
N SER A 408 21.98 -5.81 -4.06
CA SER A 408 23.00 -6.16 -5.06
C SER A 408 23.49 -7.64 -4.88
N VAL A 409 23.05 -8.31 -3.80
CA VAL A 409 23.40 -9.65 -3.50
C VAL A 409 22.35 -10.61 -3.97
N ASP A 410 21.08 -10.33 -3.63
CA ASP A 410 19.94 -11.14 -4.10
C ASP A 410 19.19 -10.31 -5.11
N ILE A 411 19.48 -10.58 -6.39
CA ILE A 411 19.01 -9.76 -7.49
C ILE A 411 17.48 -9.72 -7.43
N GLY A 412 16.90 -8.55 -7.60
CA GLY A 412 15.43 -8.43 -7.60
C GLY A 412 14.76 -8.38 -6.22
N SER A 413 15.50 -8.65 -5.14
CA SER A 413 14.98 -8.46 -3.80
C SER A 413 14.87 -6.93 -3.47
N LEU A 414 13.63 -6.46 -3.40
CA LEU A 414 13.31 -5.05 -3.24
C LEU A 414 12.76 -4.76 -1.86
N ALA A 415 13.48 -3.97 -1.05
CA ALA A 415 12.97 -3.56 0.24
C ALA A 415 12.19 -2.26 0.06
N ILE A 416 11.10 -2.16 0.82
CA ILE A 416 10.22 -1.03 0.76
C ILE A 416 10.01 -0.51 2.16
N GLY A 417 10.30 0.78 2.34
CA GLY A 417 10.06 1.46 3.59
C GLY A 417 8.73 2.15 3.56
N VAL A 418 7.87 1.80 4.52
CA VAL A 418 6.46 2.13 4.50
C VAL A 418 6.08 2.83 5.78
N GLY A 419 5.15 3.75 5.67
CA GLY A 419 4.66 4.49 6.85
C GLY A 419 3.71 3.76 7.80
N ASP A 420 3.45 2.46 7.59
CA ASP A 420 2.70 1.63 8.56
C ASP A 420 3.60 0.85 9.51
N GLY A 421 4.87 1.21 9.58
CA GLY A 421 5.82 0.54 10.44
C GLY A 421 6.20 -0.91 10.14
N MET A 422 6.09 -1.32 8.88
CA MET A 422 6.56 -2.64 8.51
C MET A 422 7.43 -2.47 7.27
N ILE A 423 8.60 -3.13 7.30
CA ILE A 423 9.46 -3.27 6.13
C ILE A 423 8.85 -4.35 5.27
N ARG A 424 8.76 -4.09 3.97
CA ARG A 424 8.42 -5.14 2.98
C ARG A 424 9.69 -5.51 2.23
N VAL A 425 9.84 -6.81 1.94
CA VAL A 425 10.78 -7.29 0.95
C VAL A 425 9.98 -7.98 -0.17
N TRP A 426 9.98 -7.39 -1.36
CA TRP A 426 9.31 -7.91 -2.54
C TRP A 426 10.36 -8.67 -3.38
N ASN A 427 10.18 -9.98 -3.45
CA ASN A 427 10.96 -10.82 -4.34
C ASN A 427 10.42 -10.64 -5.75
N THR A 428 10.90 -9.59 -6.41
CA THR A 428 10.30 -9.13 -7.67
C THR A 428 10.42 -10.13 -8.84
N LEU A 429 11.38 -11.03 -8.74
CA LEU A 429 11.66 -11.98 -9.84
C LEU A 429 11.14 -13.38 -9.53
N SER A 430 10.30 -13.51 -8.51
CA SER A 430 9.56 -14.74 -8.23
C SER A 430 8.85 -15.17 -9.53
N ILE A 431 9.05 -16.42 -9.95
CA ILE A 431 8.58 -16.87 -11.26
C ILE A 431 7.08 -17.04 -11.27
N LYS A 432 6.52 -17.64 -10.22
CA LYS A 432 5.10 -18.00 -10.16
C LYS A 432 4.26 -17.00 -9.34
N ASN A 433 4.84 -15.89 -8.89
CA ASN A 433 4.10 -14.94 -8.08
C ASN A 433 4.55 -13.50 -8.41
N ASN A 434 3.66 -12.68 -8.94
CA ASN A 434 3.98 -11.28 -9.25
C ASN A 434 4.04 -10.36 -7.99
N TYR A 435 3.52 -10.85 -6.85
CA TYR A 435 3.46 -10.09 -5.60
C TYR A 435 3.90 -10.94 -4.42
N ASP A 436 5.12 -11.48 -4.52
CA ASP A 436 5.77 -12.26 -3.46
C ASP A 436 6.42 -11.30 -2.45
N VAL A 437 5.67 -10.91 -1.42
CA VAL A 437 6.09 -9.90 -0.48
C VAL A 437 6.05 -10.45 0.91
N LYS A 438 7.15 -10.25 1.65
CA LYS A 438 7.30 -10.69 3.03
C LYS A 438 7.36 -9.44 3.91
N ASN A 439 6.76 -9.52 5.09
CA ASN A 439 6.70 -8.41 6.04
C ASN A 439 7.64 -8.59 7.22
N PHE A 440 8.27 -7.51 7.64
CA PHE A 440 9.09 -7.48 8.83
C PHE A 440 8.61 -6.34 9.71
N TRP A 441 8.22 -6.69 10.94
CA TRP A 441 7.62 -5.74 11.92
C TRP A 441 8.43 -5.61 13.20
N GLN A 442 9.03 -6.69 13.68
CA GLN A 442 9.82 -6.64 14.94
C GLN A 442 10.82 -5.44 14.98
N GLY A 443 10.80 -4.67 16.08
CA GLY A 443 11.75 -3.58 16.28
C GLY A 443 11.64 -2.38 15.33
N VAL A 444 10.55 -2.30 14.56
CA VAL A 444 10.41 -1.26 13.52
C VAL A 444 9.48 -0.18 14.06
N LYS A 445 8.18 -0.49 14.19
CA LYS A 445 7.15 0.32 14.93
C LYS A 445 6.76 1.65 14.28
N SER A 446 7.75 2.52 14.07
CA SER A 446 7.54 3.82 13.49
C SER A 446 7.65 3.76 11.96
N LYS A 447 7.45 4.90 11.30
CA LYS A 447 7.50 5.00 9.83
C LYS A 447 8.91 4.79 9.32
N VAL A 448 9.07 3.87 8.38
CA VAL A 448 10.39 3.52 7.85
C VAL A 448 10.67 4.44 6.67
N THR A 449 11.52 5.40 6.92
CA THR A 449 11.83 6.48 5.98
C THR A 449 13.15 6.28 5.17
N ALA A 450 13.91 5.22 5.48
CA ALA A 450 15.17 4.96 4.79
C ALA A 450 15.54 3.50 4.93
N LEU A 451 16.10 2.93 3.86
CA LEU A 451 16.60 1.56 3.83
C LEU A 451 17.86 1.54 3.00
N CYS A 452 18.71 0.56 3.28
CA CYS A 452 19.88 0.32 2.42
C CYS A 452 20.40 -1.05 2.70
N TRP A 453 20.36 -1.92 1.69
CA TRP A 453 20.92 -3.27 1.84
C TRP A 453 22.44 -3.19 2.01
N HIS A 454 23.01 -4.12 2.77
CA HIS A 454 24.48 -4.25 2.82
C HIS A 454 24.93 -4.66 1.41
N PRO A 455 26.09 -4.13 0.91
CA PRO A 455 26.52 -4.47 -0.48
C PRO A 455 27.02 -5.91 -0.78
N THR A 456 27.41 -6.65 0.25
CA THR A 456 27.90 -8.03 0.12
C THR A 456 27.23 -9.10 1.03
N LYS A 457 26.72 -8.72 2.19
CA LYS A 457 26.18 -9.70 3.13
C LYS A 457 24.67 -9.89 2.85
N GLU A 458 24.33 -11.08 2.34
CA GLU A 458 22.93 -11.51 2.15
C GLU A 458 22.01 -11.31 3.39
N GLY A 459 20.80 -10.80 3.14
CA GLY A 459 19.82 -10.57 4.20
C GLY A 459 20.05 -9.36 5.10
N CYS A 460 21.17 -8.66 4.96
CA CYS A 460 21.50 -7.63 5.92
C CYS A 460 20.94 -6.31 5.45
N LEU A 461 19.85 -5.85 6.08
CA LEU A 461 19.14 -4.61 5.73
C LEU A 461 19.21 -3.53 6.83
N ALA A 462 19.89 -2.43 6.54
CA ALA A 462 19.87 -1.24 7.42
C ALA A 462 18.55 -0.48 7.21
N PHE A 463 17.99 0.03 8.28
CA PHE A 463 16.77 0.83 8.13
C PHE A 463 16.80 2.01 9.08
N GLY A 464 15.96 2.98 8.76
CA GLY A 464 15.85 4.24 9.54
C GLY A 464 14.40 4.68 9.62
N THR A 465 14.05 5.43 10.67
CA THR A 465 12.66 5.75 10.96
C THR A 465 12.41 7.21 11.18
N ASP A 466 11.13 7.59 11.18
CA ASP A 466 10.78 8.98 11.44
C ASP A 466 10.99 9.41 12.91
N ASP A 467 11.16 8.48 13.86
CA ASP A 467 11.61 8.88 15.24
C ASP A 467 13.13 8.81 15.43
N GLY A 468 13.87 8.78 14.32
CA GLY A 468 15.32 8.87 14.38
C GLY A 468 16.08 7.60 14.65
N LYS A 469 15.37 6.47 14.63
CA LYS A 469 15.96 5.21 14.94
C LYS A 469 16.73 4.64 13.76
N VAL A 470 17.84 3.98 14.07
CA VAL A 470 18.62 3.25 13.08
C VAL A 470 18.68 1.79 13.50
N GLY A 471 18.47 0.91 12.54
CA GLY A 471 18.46 -0.51 12.79
C GLY A 471 19.08 -1.34 11.68
N LEU A 472 19.34 -2.58 12.02
CA LEU A 472 19.95 -3.50 11.09
C LEU A 472 19.18 -4.83 11.24
N TYR A 473 18.45 -5.19 10.17
CA TYR A 473 17.65 -6.43 10.11
C TYR A 473 18.44 -7.52 9.41
N ASP A 474 18.27 -8.75 9.88
CA ASP A 474 18.75 -9.96 9.20
C ASP A 474 17.47 -10.57 8.72
N THR A 475 17.13 -10.33 7.45
CA THR A 475 15.89 -10.83 6.88
C THR A 475 15.90 -12.35 6.63
N TYR A 476 17.07 -12.99 6.68
CA TYR A 476 17.17 -14.45 6.59
C TYR A 476 16.84 -15.15 7.91
N SER A 477 16.71 -14.39 9.00
CA SER A 477 16.33 -14.97 10.29
C SER A 477 14.98 -14.41 10.76
N ASN A 478 14.54 -14.96 11.89
CA ASN A 478 13.35 -14.53 12.60
C ASN A 478 13.75 -13.73 13.88
N LYS A 479 15.05 -13.44 14.05
CA LYS A 479 15.51 -12.61 15.17
C LYS A 479 15.07 -11.13 14.96
N PRO A 480 14.78 -10.40 16.05
CA PRO A 480 14.45 -8.97 15.89
C PRO A 480 15.71 -8.21 15.51
N PRO A 481 15.56 -7.01 14.95
CA PRO A 481 16.74 -6.28 14.45
C PRO A 481 17.64 -5.77 15.59
N GLN A 482 18.91 -5.55 15.29
CA GLN A 482 19.75 -4.71 16.16
C GLN A 482 19.34 -3.26 15.99
N ILE A 483 19.41 -2.50 17.06
CA ILE A 483 19.03 -1.09 17.09
C ILE A 483 20.22 -0.30 17.59
N SER A 484 20.53 0.81 16.92
CA SER A 484 21.57 1.74 17.37
C SER A 484 21.13 2.42 18.65
N SER A 485 22.05 2.48 19.63
CA SER A 485 21.75 3.16 20.90
CA SER A 485 21.79 3.16 20.91
C SER A 485 21.64 4.67 20.70
N THR A 486 22.38 5.21 19.75
CA THR A 486 22.31 6.61 19.44
C THR A 486 21.18 6.82 18.43
N TYR A 487 20.30 7.77 18.74
CA TYR A 487 19.21 8.17 17.87
C TYR A 487 19.51 9.52 17.23
N HIS A 488 18.99 9.74 16.03
CA HIS A 488 18.91 11.09 15.47
C HIS A 488 17.77 11.81 16.17
N LYS A 489 17.87 13.13 16.36
CA LYS A 489 16.77 13.97 16.88
C LYS A 489 15.56 14.01 15.96
N LYS A 490 15.77 13.92 14.64
CA LYS A 490 14.68 13.91 13.68
C LYS A 490 14.78 12.68 12.73
N THR A 491 13.87 12.65 11.76
CA THR A 491 13.79 11.54 10.80
C THR A 491 15.12 11.15 10.14
N VAL A 492 15.35 9.84 9.99
CA VAL A 492 16.48 9.33 9.24
C VAL A 492 16.08 9.32 7.77
N TYR A 493 16.71 10.21 6.98
CA TYR A 493 16.39 10.33 5.56
C TYR A 493 17.31 9.54 4.67
N THR A 494 18.49 9.19 5.12
CA THR A 494 19.44 8.49 4.28
C THR A 494 20.25 7.53 5.09
N LEU A 495 20.55 6.41 4.46
CA LEU A 495 21.48 5.44 4.96
C LEU A 495 22.48 5.08 3.85
N ALA A 496 23.74 4.94 4.19
CA ALA A 496 24.73 4.55 3.18
C ALA A 496 25.84 3.76 3.82
N TRP A 497 26.33 2.77 3.09
CA TRP A 497 27.46 1.98 3.54
C TRP A 497 28.68 2.59 2.94
N GLY A 498 29.75 2.63 3.70
CA GLY A 498 31.02 3.11 3.16
C GLY A 498 32.20 2.68 4.02
N PRO A 499 33.41 3.04 3.60
CA PRO A 499 34.54 2.68 4.45
C PRO A 499 34.48 3.41 5.77
N PRO A 500 35.03 2.81 6.83
CA PRO A 500 35.07 3.51 8.10
C PRO A 500 36.07 4.65 8.04
N VAL A 501 35.79 5.69 8.81
CA VAL A 501 36.72 6.82 8.95
C VAL A 501 37.02 6.99 10.43
N PRO A 502 38.14 7.64 10.77
CA PRO A 502 38.43 7.84 12.19
C PRO A 502 37.29 8.59 12.88
N PRO A 503 36.96 8.27 14.15
CA PRO A 503 37.70 7.36 15.03
C PRO A 503 37.35 5.85 14.97
N MET A 504 36.58 5.42 13.98
CA MET A 504 36.19 3.99 13.87
C MET A 504 37.39 3.11 13.49
N SER A 505 37.38 1.84 13.93
CA SER A 505 38.44 0.87 13.62
N SER A 514 34.37 -4.27 8.10
CA SER A 514 34.96 -3.74 6.86
C SER A 514 34.25 -2.51 6.27
N LEU A 515 32.91 -2.46 6.38
CA LEU A 515 32.15 -1.28 6.04
C LEU A 515 31.42 -0.73 7.25
N ALA A 516 31.48 0.58 7.43
CA ALA A 516 30.63 1.28 8.41
C ALA A 516 29.31 1.66 7.77
N LEU A 517 28.33 1.92 8.61
CA LEU A 517 26.98 2.41 8.22
C LEU A 517 26.83 3.89 8.58
N TYR A 518 26.39 4.69 7.63
CA TYR A 518 26.23 6.13 7.82
C TYR A 518 24.75 6.47 7.77
N SER A 519 24.31 7.29 8.70
CA SER A 519 22.92 7.67 8.75
C SER A 519 22.82 9.17 8.82
N CYS A 520 21.92 9.73 8.01
CA CYS A 520 21.73 11.17 8.01
C CYS A 520 20.36 11.46 8.53
N GLY A 521 20.27 12.29 9.56
CA GLY A 521 18.98 12.75 10.11
C GLY A 521 18.56 14.15 9.69
N GLY A 522 17.27 14.46 9.80
CA GLY A 522 16.77 15.75 9.39
C GLY A 522 17.31 16.94 10.16
N GLU A 523 17.73 16.69 11.39
CA GLU A 523 18.41 17.71 12.20
C GLU A 523 19.77 18.11 11.64
N GLY A 524 20.41 17.28 10.81
CA GLY A 524 21.65 17.69 10.14
C GLY A 524 22.91 16.96 10.47
N ILE A 525 22.81 15.92 11.29
CA ILE A 525 23.97 15.14 11.70
C ILE A 525 24.09 13.86 10.89
N VAL A 526 25.31 13.52 10.47
CA VAL A 526 25.62 12.21 9.96
C VAL A 526 26.36 11.42 11.03
N LEU A 527 25.80 10.26 11.41
CA LEU A 527 26.43 9.33 12.36
C LEU A 527 27.09 8.21 11.59
N GLN A 528 28.25 7.82 12.07
CA GLN A 528 28.93 6.61 11.64
C GLN A 528 28.71 5.52 12.71
N HIS A 529 28.13 4.39 12.29
CA HIS A 529 27.81 3.29 13.16
C HIS A 529 28.67 2.09 12.82
N ASN A 530 29.05 1.34 13.84
CA ASN A 530 29.69 0.05 13.66
C ASN A 530 28.59 -1.03 13.54
N PRO A 531 28.49 -1.67 12.36
CA PRO A 531 27.40 -2.62 12.16
C PRO A 531 27.49 -3.91 13.00
N TRP A 532 28.68 -4.25 13.49
CA TRP A 532 28.80 -5.26 14.55
C TRP A 532 28.21 -4.70 15.86
N LYS A 533 28.83 -3.66 16.40
CA LYS A 533 28.43 -3.10 17.70
C LYS A 533 27.41 -1.93 17.59
N LEU A 534 26.22 -2.22 17.08
CA LEU A 534 25.20 -1.18 16.88
C LEU A 534 24.78 -0.55 18.18
N SER A 535 24.78 -1.33 19.24
CA SER A 535 24.46 -0.82 20.57
C SER A 535 25.61 -0.01 21.16
N GLY A 536 26.83 -0.20 20.64
CA GLY A 536 27.98 0.66 20.97
C GLY A 536 27.92 2.16 20.61
N GLU A 537 29.09 2.78 20.52
CA GLU A 537 29.19 4.22 20.19
C GLU A 537 28.93 4.43 18.69
N ALA A 538 28.21 5.48 18.36
CA ALA A 538 28.11 5.99 16.98
C ALA A 538 28.74 7.40 16.96
N PHE A 539 29.51 7.70 15.93
CA PHE A 539 30.26 8.96 15.87
C PHE A 539 29.63 9.99 14.91
N ASP A 540 29.33 11.18 15.43
CA ASP A 540 29.06 12.35 14.58
C ASP A 540 30.33 12.64 13.75
N ILE A 541 30.24 12.53 12.41
CA ILE A 541 31.42 12.75 11.54
C ILE A 541 31.88 14.25 11.47
N ASN A 542 31.07 15.17 11.91
CA ASN A 542 31.49 16.60 11.94
C ASN A 542 32.81 16.89 12.68
N LYS A 543 33.13 16.12 13.72
CA LYS A 543 34.38 16.29 14.43
C LYS A 543 35.55 15.98 13.51
N LEU A 544 35.53 14.82 12.85
CA LEU A 544 36.56 14.51 11.86
C LEU A 544 36.63 15.58 10.75
N ILE A 545 35.46 16.04 10.27
CA ILE A 545 35.41 17.03 9.17
C ILE A 545 36.08 18.36 9.66
N ARG A 546 35.62 18.85 10.81
CA ARG A 546 36.08 20.10 11.43
C ARG A 546 37.60 20.05 11.68
N ASP A 547 38.11 18.90 12.11
CA ASP A 547 39.53 18.75 12.43
C ASP A 547 40.41 18.63 11.19
N THR A 548 40.00 17.81 10.24
CA THR A 548 40.76 17.62 9.02
C THR A 548 40.85 18.90 8.19
N ASN A 549 39.85 19.77 8.28
CA ASN A 549 39.78 20.95 7.41
C ASN A 549 39.90 22.28 8.19
N SER A 550 40.13 22.22 9.51
CA SER A 550 40.35 23.40 10.37
C SER A 550 39.22 24.42 10.35
N ILE A 551 37.99 23.94 10.50
CA ILE A 551 36.81 24.82 10.39
C ILE A 551 36.47 25.57 11.74
N LYS A 552 36.03 26.84 11.67
CA LYS A 552 35.72 27.67 12.88
C LYS A 552 34.25 28.01 13.04
N TYR A 553 33.60 28.39 11.95
CA TYR A 553 32.18 28.64 12.00
C TYR A 553 31.44 27.27 12.11
N LYS A 554 30.16 27.37 12.46
CA LYS A 554 29.27 26.21 12.57
C LYS A 554 29.21 25.46 11.21
N LEU A 555 29.12 24.13 11.25
CA LEU A 555 29.04 23.33 10.01
C LEU A 555 27.65 23.37 9.43
N PRO A 556 27.52 23.15 8.12
CA PRO A 556 26.15 23.13 7.56
C PRO A 556 25.31 21.97 8.12
N VAL A 557 23.98 22.14 8.08
CA VAL A 557 23.01 21.13 8.41
C VAL A 557 23.02 20.14 7.22
N HIS A 558 23.52 18.91 7.46
CA HIS A 558 23.60 17.86 6.36
C HIS A 558 22.27 17.14 6.17
N THR A 559 21.76 17.15 4.95
CA THR A 559 20.46 16.62 4.66
C THR A 559 20.52 15.38 3.75
N GLU A 560 21.68 15.04 3.24
CA GLU A 560 21.83 13.90 2.32
C GLU A 560 23.26 13.45 2.30
N ILE A 561 23.45 12.13 2.25
CA ILE A 561 24.80 11.54 2.12
C ILE A 561 24.77 10.53 0.98
N SER A 562 25.80 10.58 0.13
CA SER A 562 25.97 9.63 -0.98
C SER A 562 27.46 9.35 -1.18
N TRP A 563 27.86 8.09 -1.04
CA TRP A 563 29.22 7.61 -1.36
C TRP A 563 29.35 7.30 -2.85
N LYS A 564 30.41 7.80 -3.47
CA LYS A 564 30.86 7.36 -4.80
C LYS A 564 31.00 5.83 -4.82
N ALA A 565 30.72 5.23 -5.98
CA ALA A 565 30.74 3.76 -6.12
C ALA A 565 32.07 3.10 -5.69
N ASP A 566 33.19 3.77 -5.96
CA ASP A 566 34.52 3.25 -5.56
C ASP A 566 34.83 3.35 -4.03
N GLY A 567 33.90 3.92 -3.23
CA GLY A 567 34.14 4.09 -1.79
C GLY A 567 35.30 5.01 -1.43
N LYS A 568 35.69 5.93 -2.31
CA LYS A 568 36.78 6.91 -2.03
C LYS A 568 36.32 8.36 -1.81
N ILE A 569 35.07 8.66 -2.16
CA ILE A 569 34.55 10.01 -2.11
C ILE A 569 33.17 9.97 -1.46
N MET A 570 32.92 10.89 -0.53
CA MET A 570 31.62 11.09 0.11
C MET A 570 31.08 12.48 -0.27
N ALA A 571 29.82 12.52 -0.67
CA ALA A 571 29.17 13.77 -0.92
C ALA A 571 28.15 13.95 0.21
N LEU A 572 28.10 15.16 0.76
CA LEU A 572 27.03 15.60 1.67
C LEU A 572 26.29 16.72 1.04
N GLY A 573 24.98 16.58 0.94
CA GLY A 573 24.14 17.66 0.56
C GLY A 573 23.68 18.32 1.84
N ASN A 574 23.47 19.63 1.76
CA ASN A 574 23.09 20.44 2.92
C ASN A 574 21.78 21.21 2.76
N GLU A 575 21.30 21.73 3.88
CA GLU A 575 20.03 22.45 3.95
C GLU A 575 20.03 23.70 3.10
N ASP A 576 21.19 24.32 3.00
CA ASP A 576 21.33 25.55 2.21
C ASP A 576 21.53 25.31 0.70
N GLY A 577 21.59 24.04 0.28
CA GLY A 577 21.61 23.68 -1.10
C GLY A 577 22.97 23.27 -1.56
N SER A 578 24.01 23.61 -0.82
CA SER A 578 25.36 23.23 -1.21
C SER A 578 25.55 21.74 -1.12
N ILE A 579 26.47 21.23 -1.93
CA ILE A 579 26.92 19.89 -1.85
C ILE A 579 28.45 19.91 -1.68
N GLU A 580 28.94 19.23 -0.64
CA GLU A 580 30.36 19.14 -0.34
C GLU A 580 30.94 17.77 -0.66
N ILE A 581 32.16 17.75 -1.18
CA ILE A 581 32.82 16.55 -1.67
C ILE A 581 34.04 16.28 -0.81
N PHE A 582 34.04 15.12 -0.13
CA PHE A 582 35.11 14.75 0.78
C PHE A 582 35.84 13.49 0.31
N GLN A 583 37.14 13.44 0.56
CA GLN A 583 38.03 12.36 0.12
C GLN A 583 38.48 11.56 1.35
N ILE A 584 38.59 10.24 1.19
CA ILE A 584 39.20 9.40 2.23
C ILE A 584 40.73 9.65 2.25
N PRO A 585 41.41 9.37 3.37
CA PRO A 585 40.87 8.60 4.52
C PRO A 585 40.14 9.42 5.59
N ASN A 586 40.31 10.74 5.56
CA ASN A 586 40.01 11.61 6.68
C ASN A 586 38.94 12.66 6.40
N LEU A 587 38.23 12.52 5.26
CA LEU A 587 37.20 13.46 4.86
C LEU A 587 37.76 14.87 4.69
N LYS A 588 38.81 14.94 3.91
CA LYS A 588 39.36 16.21 3.43
C LYS A 588 38.39 16.81 2.41
N LEU A 589 37.96 18.05 2.63
CA LEU A 589 37.08 18.75 1.69
C LEU A 589 37.85 19.05 0.44
N ILE A 590 37.38 18.60 -0.71
CA ILE A 590 38.02 18.97 -2.00
C ILE A 590 37.19 19.87 -2.90
N CYS A 591 35.87 19.90 -2.71
CA CYS A 591 35.01 20.67 -3.58
C CYS A 591 33.73 21.04 -2.87
N THR A 592 33.28 22.28 -3.06
CA THR A 592 31.94 22.65 -2.70
C THR A 592 31.21 23.03 -3.99
N ILE A 593 30.00 22.50 -4.16
CA ILE A 593 29.19 22.70 -5.36
C ILE A 593 28.07 23.53 -4.92
N GLN A 594 28.01 24.74 -5.46
CA GLN A 594 26.98 25.72 -5.14
C GLN A 594 26.09 25.85 -6.38
N GLN A 595 24.91 25.22 -6.34
CA GLN A 595 24.06 25.12 -7.53
C GLN A 595 22.62 25.14 -7.11
N HIS A 596 22.25 24.24 -6.21
CA HIS A 596 20.93 24.29 -5.59
C HIS A 596 20.94 25.41 -4.60
N HIS A 597 19.80 26.05 -4.38
CA HIS A 597 19.65 27.07 -3.34
C HIS A 597 18.62 26.72 -2.30
N LYS A 598 18.24 25.45 -2.27
CA LYS A 598 17.34 24.92 -1.27
C LYS A 598 17.78 23.50 -0.92
N LEU A 599 17.23 22.98 0.17
CA LEU A 599 17.65 21.70 0.80
C LEU A 599 17.84 20.58 -0.19
N VAL A 600 18.97 19.88 -0.09
CA VAL A 600 19.26 18.78 -0.98
C VAL A 600 18.55 17.52 -0.47
N ASN A 601 17.69 16.96 -1.30
CA ASN A 601 16.94 15.72 -0.97
C ASN A 601 17.59 14.43 -1.47
N THR A 602 18.38 14.50 -2.53
CA THR A 602 18.88 13.29 -3.17
C THR A 602 20.15 13.59 -3.95
N ILE A 603 21.12 12.70 -3.82
CA ILE A 603 22.37 12.68 -4.56
C ILE A 603 22.58 11.26 -5.03
N SER A 604 22.96 11.09 -6.29
CA SER A 604 23.39 9.78 -6.75
C SER A 604 24.58 9.80 -7.70
N TRP A 605 25.56 8.95 -7.46
CA TRP A 605 26.75 8.83 -8.34
C TRP A 605 26.52 7.74 -9.39
N HIS A 606 26.85 8.04 -10.64
CA HIS A 606 26.71 7.09 -11.75
C HIS A 606 27.54 5.84 -11.46
N HIS A 607 27.03 4.70 -11.90
CA HIS A 607 27.71 3.40 -11.73
C HIS A 607 29.04 3.31 -12.56
N GLU A 608 29.82 2.23 -12.32
CA GLU A 608 31.17 2.01 -12.91
C GLU A 608 31.23 1.06 -14.14
N HIS A 609 30.13 0.43 -14.48
CA HIS A 609 30.10 -0.56 -15.56
C HIS A 609 29.44 -0.01 -16.87
N GLY A 610 29.57 1.31 -17.09
CA GLY A 610 29.11 1.93 -18.34
C GLY A 610 30.14 1.72 -19.44
N SER A 611 29.91 2.34 -20.61
CA SER A 611 30.88 2.23 -21.73
C SER A 611 32.19 2.96 -21.37
N GLN A 612 32.13 4.28 -21.23
CA GLN A 612 33.32 5.09 -20.88
C GLN A 612 33.55 5.06 -19.34
N PRO A 613 34.84 4.98 -18.89
CA PRO A 613 35.11 5.03 -17.43
C PRO A 613 34.86 6.42 -16.80
N GLU A 614 35.05 7.51 -17.58
CA GLU A 614 34.67 8.90 -17.16
C GLU A 614 33.26 9.08 -16.53
N LEU A 615 32.33 8.17 -16.80
CA LEU A 615 30.94 8.32 -16.33
C LEU A 615 30.77 8.18 -14.80
N SER A 616 31.60 7.39 -14.15
CA SER A 616 31.51 7.23 -12.68
C SER A 616 31.81 8.50 -11.88
N TYR A 617 32.28 9.55 -12.56
CA TYR A 617 32.50 10.87 -11.98
C TYR A 617 31.28 11.78 -12.06
N LEU A 618 30.19 11.30 -12.70
CA LEU A 618 28.95 12.09 -12.78
C LEU A 618 28.17 11.97 -11.48
N MET A 619 27.62 13.07 -11.00
CA MET A 619 26.83 13.04 -9.76
C MET A 619 25.58 13.81 -10.01
N ALA A 620 24.41 13.17 -9.85
CA ALA A 620 23.13 13.84 -10.01
C ALA A 620 22.61 14.25 -8.67
N SER A 621 21.90 15.37 -8.60
CA SER A 621 21.34 15.84 -7.36
C SER A 621 20.00 16.55 -7.54
N GLY A 622 19.16 16.44 -6.51
CA GLY A 622 17.86 17.08 -6.48
C GLY A 622 17.58 17.75 -5.14
N SER A 623 16.90 18.88 -5.22
CA SER A 623 16.63 19.73 -4.09
C SER A 623 15.16 20.02 -4.00
N ASN A 624 14.76 20.93 -3.12
CA ASN A 624 13.39 21.39 -3.07
C ASN A 624 12.94 22.21 -4.27
N ASN A 625 13.87 22.68 -5.12
CA ASN A 625 13.52 23.22 -6.44
C ASN A 625 13.39 22.06 -7.46
N ALA A 626 12.75 22.35 -8.59
CA ALA A 626 12.41 21.34 -9.59
C ALA A 626 13.52 21.01 -10.51
N VAL A 627 14.51 21.90 -10.64
CA VAL A 627 15.57 21.71 -11.60
C VAL A 627 16.59 20.74 -11.04
N ILE A 628 16.97 19.76 -11.84
CA ILE A 628 17.94 18.77 -11.47
C ILE A 628 19.27 19.14 -12.08
N TYR A 629 20.37 18.87 -11.37
CA TYR A 629 21.73 19.06 -11.93
C TYR A 629 22.56 17.81 -11.94
N VAL A 630 23.47 17.73 -12.91
CA VAL A 630 24.52 16.72 -12.92
C VAL A 630 25.83 17.51 -12.84
N HIS A 631 26.77 17.07 -11.99
CA HIS A 631 28.13 17.63 -11.98
C HIS A 631 29.07 16.53 -12.33
N ASN A 632 30.18 16.92 -12.94
CA ASN A 632 31.23 16.01 -13.37
C ASN A 632 32.47 16.33 -12.59
N LEU A 633 32.84 15.41 -11.71
CA LEU A 633 33.89 15.67 -10.75
C LEU A 633 35.22 14.99 -11.10
N LYS A 634 35.39 14.54 -12.36
CA LYS A 634 36.68 13.94 -12.78
C LYS A 634 37.86 14.91 -12.53
N THR A 635 37.74 16.13 -13.07
CA THR A 635 38.86 17.09 -13.01
C THR A 635 39.30 17.34 -11.58
N VAL A 636 38.35 17.80 -10.76
CA VAL A 636 38.62 18.15 -9.34
C VAL A 636 39.15 16.98 -8.52
N ILE A 637 38.50 15.81 -8.62
CA ILE A 637 38.92 14.60 -7.89
C ILE A 637 40.34 14.16 -8.34
N GLU A 638 40.58 14.12 -9.65
CA GLU A 638 41.89 13.71 -10.19
C GLU A 638 43.02 14.69 -9.77
N SER A 639 42.74 15.99 -9.74
CA SER A 639 43.73 17.00 -9.27
C SER A 639 43.99 17.03 -7.72
N SER A 640 43.14 16.37 -6.94
CA SER A 640 43.31 16.24 -5.47
C SER A 640 43.83 17.52 -4.77
N PRO A 641 43.14 18.65 -4.96
CA PRO A 641 43.67 19.94 -4.51
C PRO A 641 43.90 20.01 -2.99
N GLU A 642 44.96 20.71 -2.60
CA GLU A 642 45.34 20.89 -1.19
C GLU A 642 44.42 21.90 -0.49
N SER A 643 43.74 22.75 -1.26
CA SER A 643 42.62 23.51 -0.70
C SER A 643 41.41 23.49 -1.66
N PRO A 644 40.21 23.51 -1.09
CA PRO A 644 38.98 23.19 -1.83
C PRO A 644 38.53 24.16 -2.95
N VAL A 645 38.06 23.58 -4.05
CA VAL A 645 37.52 24.31 -5.23
C VAL A 645 36.04 24.54 -5.05
N THR A 646 35.53 25.69 -5.49
CA THR A 646 34.08 25.95 -5.56
C THR A 646 33.59 25.85 -7.00
N ILE A 647 32.65 24.95 -7.24
CA ILE A 647 32.04 24.80 -8.56
C ILE A 647 30.68 25.49 -8.50
N THR A 648 30.39 26.35 -9.47
CA THR A 648 29.10 27.07 -9.55
C THR A 648 28.38 26.99 -10.93
N GLU A 649 28.89 26.18 -11.85
CA GLU A 649 28.19 25.92 -13.11
C GLU A 649 27.96 24.38 -13.22
N PRO A 650 26.78 23.98 -13.69
CA PRO A 650 26.48 22.54 -13.81
C PRO A 650 27.12 21.93 -15.04
N TYR A 651 27.47 20.65 -14.97
CA TYR A 651 27.79 19.90 -16.17
C TYR A 651 26.54 19.72 -17.09
N ARG A 652 25.38 19.33 -16.51
CA ARG A 652 24.11 19.26 -17.25
C ARG A 652 22.96 19.75 -16.37
N THR A 653 21.93 20.29 -17.00
CA THR A 653 20.77 20.85 -16.32
C THR A 653 19.57 20.14 -16.86
N LEU A 654 18.70 19.62 -15.97
CA LEU A 654 17.51 18.91 -16.38
C LEU A 654 16.27 19.60 -15.86
N SER A 655 15.57 20.28 -16.76
CA SER A 655 14.39 21.08 -16.43
C SER A 655 13.21 20.43 -17.03
N GLY A 656 12.09 20.54 -16.31
CA GLY A 656 10.85 19.89 -16.71
C GLY A 656 9.91 19.78 -15.55
N HIS A 657 10.41 19.36 -14.38
CA HIS A 657 9.56 19.10 -13.23
C HIS A 657 9.04 20.43 -12.78
N THR A 658 7.92 20.41 -12.08
CA THR A 658 7.34 21.62 -11.50
C THR A 658 7.22 21.61 -9.96
N ALA A 659 7.96 20.71 -9.29
CA ALA A 659 7.94 20.67 -7.81
C ALA A 659 9.16 19.89 -7.32
N LYS A 660 9.29 19.79 -6.00
CA LYS A 660 10.51 19.23 -5.43
C LYS A 660 10.89 17.84 -5.95
N ILE A 661 12.18 17.59 -5.96
CA ILE A 661 12.74 16.33 -6.40
C ILE A 661 13.12 15.57 -5.14
N THR A 662 12.49 14.42 -4.94
CA THR A 662 12.74 13.59 -3.78
C THR A 662 13.80 12.54 -3.98
N SER A 663 14.03 12.10 -5.20
CA SER A 663 14.89 10.97 -5.45
C SER A 663 15.33 10.97 -6.90
N VAL A 664 16.61 10.71 -7.13
CA VAL A 664 17.13 10.46 -8.47
C VAL A 664 17.93 9.17 -8.45
N ALA A 665 17.96 8.45 -9.57
CA ALA A 665 18.74 7.22 -9.68
C ALA A 665 19.20 6.98 -11.14
N TRP A 666 20.43 6.47 -11.32
CA TRP A 666 21.01 6.26 -12.65
C TRP A 666 20.64 4.84 -13.14
N SER A 667 20.32 4.67 -14.43
CA SER A 667 20.02 3.33 -14.93
C SER A 667 21.27 2.52 -14.86
N PRO A 668 21.23 1.31 -14.27
CA PRO A 668 22.43 0.43 -14.38
C PRO A 668 22.66 -0.23 -15.78
N HIS A 669 21.74 0.00 -16.72
CA HIS A 669 21.77 -0.56 -18.07
C HIS A 669 22.17 0.47 -19.15
N HIS A 670 22.37 1.74 -18.79
CA HIS A 670 22.64 2.76 -19.77
C HIS A 670 23.83 3.61 -19.32
N ASP A 671 24.29 4.44 -20.26
CA ASP A 671 25.18 5.53 -19.99
C ASP A 671 24.36 6.79 -19.83
N GLY A 672 24.47 7.42 -18.67
CA GLY A 672 23.90 8.72 -18.43
C GLY A 672 22.41 8.81 -18.54
N ARG A 673 21.72 7.72 -18.16
CA ARG A 673 20.25 7.72 -18.10
C ARG A 673 19.76 7.79 -16.65
N LEU A 674 19.01 8.82 -16.35
CA LEU A 674 18.62 9.16 -15.00
C LEU A 674 17.11 9.09 -14.91
N VAL A 675 16.61 8.57 -13.79
CA VAL A 675 15.17 8.74 -13.48
C VAL A 675 15.07 9.58 -12.24
N SER A 676 14.10 10.47 -12.23
CA SER A 676 13.81 11.32 -11.09
C SER A 676 12.37 11.14 -10.62
N ALA A 677 12.14 11.29 -9.31
CA ALA A 677 10.80 11.31 -8.68
C ALA A 677 10.52 12.70 -8.15
N SER A 678 9.31 13.20 -8.37
CA SER A 678 8.96 14.53 -8.00
C SER A 678 7.62 14.63 -7.26
N TYR A 679 7.49 15.67 -6.45
CA TYR A 679 6.22 16.08 -5.87
C TYR A 679 5.18 16.57 -6.90
N ASP A 680 5.60 16.80 -8.14
CA ASP A 680 4.62 17.06 -9.23
C ASP A 680 3.78 15.83 -9.67
N GLY A 681 3.99 14.65 -9.05
CA GLY A 681 3.17 13.45 -9.31
C GLY A 681 3.69 12.60 -10.44
N THR A 682 4.92 12.89 -10.91
CA THR A 682 5.47 12.13 -12.03
C THR A 682 6.86 11.68 -11.73
N ALA A 683 7.25 10.64 -12.42
CA ALA A 683 8.66 10.24 -12.53
C ALA A 683 9.08 10.54 -13.95
N GLN A 684 10.31 11.03 -14.12
CA GLN A 684 10.83 11.43 -15.43
C GLN A 684 12.12 10.70 -15.71
N VAL A 685 12.21 10.08 -16.89
CA VAL A 685 13.43 9.43 -17.37
C VAL A 685 14.10 10.46 -18.32
N TRP A 686 15.40 10.66 -18.12
CA TRP A 686 16.20 11.64 -18.84
C TRP A 686 17.43 10.99 -19.48
N ASP A 687 17.74 11.40 -20.70
CA ASP A 687 19.07 11.19 -21.25
C ASP A 687 19.86 12.40 -20.71
N ALA A 688 20.59 12.16 -19.60
CA ALA A 688 21.26 13.24 -18.86
C ALA A 688 22.36 13.87 -19.71
N LEU A 689 23.09 13.04 -20.45
CA LEU A 689 24.15 13.53 -21.31
C LEU A 689 23.66 14.47 -22.42
N ARG A 690 22.42 14.28 -22.91
CA ARG A 690 21.90 15.15 -23.95
C ARG A 690 20.86 16.13 -23.42
N GLU A 691 20.67 16.17 -22.09
CA GLU A 691 19.62 16.98 -21.48
C GLU A 691 18.23 16.76 -22.14
N GLU A 692 17.92 15.51 -22.40
CA GLU A 692 16.75 15.18 -23.19
C GLU A 692 15.77 14.36 -22.36
N PRO A 693 14.59 14.94 -22.05
CA PRO A 693 13.49 14.19 -21.42
C PRO A 693 12.93 13.12 -22.32
N LEU A 694 12.90 11.87 -21.87
CA LEU A 694 12.40 10.73 -22.69
C LEU A 694 10.98 10.27 -22.40
N CYS A 695 10.66 10.12 -21.13
CA CYS A 695 9.54 9.35 -20.70
C CYS A 695 9.06 9.87 -19.35
N ASN A 696 7.79 10.26 -19.28
CA ASN A 696 7.18 10.74 -18.05
C ASN A 696 6.09 9.73 -17.58
N PHE A 697 6.23 9.20 -16.36
CA PHE A 697 5.23 8.25 -15.79
C PHE A 697 4.25 9.02 -14.93
N ARG A 698 2.97 8.82 -15.17
CA ARG A 698 1.91 9.59 -14.52
C ARG A 698 0.92 8.71 -13.79
N GLY A 699 1.25 7.46 -13.61
CA GLY A 699 0.31 6.53 -12.97
C GLY A 699 0.02 6.77 -11.50
N HIS A 700 0.89 7.50 -10.78
CA HIS A 700 0.62 7.81 -9.39
C HIS A 700 -0.39 8.91 -9.27
N GLN A 701 -1.20 8.83 -8.21
CA GLN A 701 -2.05 9.88 -7.79
C GLN A 701 -1.36 10.83 -6.82
N GLY A 702 -0.33 10.37 -6.12
CA GLY A 702 0.26 11.19 -5.04
C GLY A 702 1.55 11.85 -5.46
N ARG A 703 2.32 12.26 -4.48
CA ARG A 703 3.64 12.86 -4.69
C ARG A 703 4.70 11.77 -4.52
N LEU A 704 5.59 11.65 -5.50
CA LEU A 704 6.59 10.57 -5.50
C LEU A 704 7.69 10.81 -4.49
N LEU A 705 8.04 9.75 -3.77
CA LEU A 705 9.04 9.79 -2.74
C LEU A 705 10.28 9.01 -3.10
N CYS A 706 10.18 8.06 -4.03
CA CYS A 706 11.31 7.16 -4.27
C CYS A 706 11.16 6.52 -5.61
N VAL A 707 12.30 6.14 -6.18
CA VAL A 707 12.33 5.50 -7.50
C VAL A 707 13.53 4.57 -7.55
N ALA A 708 13.40 3.45 -8.23
CA ALA A 708 14.52 2.59 -8.40
C ALA A 708 14.38 1.82 -9.70
N TRP A 709 15.47 1.74 -10.47
CA TRP A 709 15.51 0.99 -11.75
CA TRP A 709 15.53 0.98 -11.74
C TRP A 709 15.48 -0.52 -11.48
N SER A 710 14.71 -1.29 -12.25
CA SER A 710 14.74 -2.74 -12.09
C SER A 710 16.15 -3.25 -12.47
N PRO A 711 16.67 -4.21 -11.73
CA PRO A 711 18.02 -4.66 -11.99
C PRO A 711 18.19 -5.46 -13.29
N LEU A 712 17.11 -6.08 -13.80
CA LEU A 712 17.22 -6.93 -15.00
C LEU A 712 16.55 -6.40 -16.28
N ASP A 713 15.51 -5.57 -16.16
CA ASP A 713 14.80 -5.07 -17.33
CA ASP A 713 14.78 -5.07 -17.31
C ASP A 713 15.07 -3.58 -17.51
N PRO A 714 15.83 -3.22 -18.56
CA PRO A 714 16.15 -1.82 -18.83
C PRO A 714 14.94 -0.92 -19.09
N ASP A 715 13.79 -1.54 -19.37
CA ASP A 715 12.56 -0.83 -19.64
C ASP A 715 11.69 -0.63 -18.38
N CYS A 716 12.08 -1.24 -17.25
CA CYS A 716 11.24 -1.29 -16.06
CA CYS A 716 11.24 -1.33 -16.03
C CYS A 716 11.77 -0.53 -14.84
N ILE A 717 10.92 0.32 -14.28
CA ILE A 717 11.27 1.12 -13.10
C ILE A 717 10.16 0.94 -12.04
N TYR A 718 10.57 0.96 -10.75
CA TYR A 718 9.66 0.99 -9.60
C TYR A 718 9.64 2.36 -8.95
N SER A 719 8.44 2.85 -8.63
CA SER A 719 8.32 4.14 -7.94
C SER A 719 7.30 4.04 -6.76
N GLY A 720 7.57 4.78 -5.69
CA GLY A 720 6.72 4.84 -4.50
C GLY A 720 6.31 6.28 -4.20
N ALA A 721 5.11 6.45 -3.61
CA ALA A 721 4.51 7.79 -3.40
C ALA A 721 3.68 7.82 -2.15
N ASP A 722 3.23 9.03 -1.79
CA ASP A 722 2.32 9.22 -0.64
C ASP A 722 0.85 8.88 -0.93
N ASP A 723 0.61 8.29 -2.10
CA ASP A 723 -0.66 7.62 -2.43
C ASP A 723 -0.72 6.19 -1.94
N PHE A 724 0.29 5.75 -1.15
CA PHE A 724 0.34 4.40 -0.53
C PHE A 724 0.54 3.31 -1.60
N CYS A 725 1.06 3.69 -2.77
CA CYS A 725 1.25 2.74 -3.87
C CYS A 725 2.71 2.59 -4.23
N VAL A 726 3.08 1.38 -4.63
CA VAL A 726 4.30 1.19 -5.43
C VAL A 726 3.86 0.72 -6.81
N HIS A 727 4.34 1.41 -7.85
CA HIS A 727 4.07 1.04 -9.25
C HIS A 727 5.35 0.48 -9.87
N LYS A 728 5.22 -0.66 -10.53
CA LYS A 728 6.23 -1.15 -11.46
C LYS A 728 5.70 -0.79 -12.85
N TRP A 729 6.45 0.04 -13.60
CA TRP A 729 6.02 0.53 -14.93
C TRP A 729 7.11 0.42 -15.99
N LEU A 730 6.70 0.54 -17.27
CA LEU A 730 7.60 0.34 -18.43
C LEU A 730 7.83 1.66 -19.16
N THR A 731 9.10 2.02 -19.37
CA THR A 731 9.40 3.25 -20.11
C THR A 731 8.75 3.24 -21.50
N SER A 732 8.68 2.06 -22.13
CA SER A 732 8.07 1.90 -23.46
C SER A 732 6.54 2.07 -23.54
N MET A 733 5.84 2.05 -22.41
CA MET A 733 4.36 2.12 -22.40
C MET A 733 3.85 3.50 -22.02
N GLN A 734 4.73 4.49 -21.95
CA GLN A 734 4.27 5.80 -21.52
C GLN A 734 3.94 6.69 -22.69
N ASP A 735 2.83 7.42 -22.55
CA ASP A 735 2.29 8.33 -23.57
C ASP A 735 2.96 9.72 -23.64
N HIS A 736 3.70 10.13 -22.60
CA HIS A 736 4.32 11.45 -22.56
C HIS A 736 5.85 11.38 -22.44
N SER A 737 6.50 12.42 -22.94
CA SER A 737 7.96 12.45 -22.99
C SER A 737 8.52 13.35 -21.87
N ARG A 738 7.65 14.15 -21.25
CA ARG A 738 8.11 15.12 -20.28
C ARG A 738 6.97 15.48 -19.31
N PRO A 739 7.30 16.16 -18.20
CA PRO A 739 6.26 16.42 -17.21
C PRO A 739 5.27 17.51 -17.62
N PRO A 740 4.06 17.49 -17.03
CA PRO A 740 3.09 18.57 -17.31
C PRO A 740 3.67 19.99 -17.07
N GLN A 741 3.29 20.98 -17.90
CA GLN A 741 3.74 22.40 -17.75
C GLN A 741 3.01 23.15 -16.65
#